data_4JRQ
#
_entry.id   4JRQ
#
_cell.length_a   91.252
_cell.length_b   91.252
_cell.length_c   162.139
_cell.angle_alpha   90.00
_cell.angle_beta   90.00
_cell.angle_gamma   90.00
#
_symmetry.space_group_name_H-M   'P 43'
#
loop_
_entity.id
_entity.type
_entity.pdbx_description
1 polymer 5cy-dA13
2 polymer 'Exodeoxyribonuclease I'
3 non-polymer 'SULFATE ION'
#
loop_
_entity_poly.entity_id
_entity_poly.type
_entity_poly.pdbx_seq_one_letter_code
_entity_poly.pdbx_strand_id
1 'polydeoxyribonucleotide' (5CY)(DA)(DA)(DA)(DA)(DA)(DA)(DA)(DA)(DA)(DA)(DA)(DA)(DA) C,D
2 'polypeptide(L)'
;GSHMMNDGKQQSTFLFHDYETFGTHPALDRPAQFAAIRTDSEFNVIGEPEVFYCKPADDYLPQPGAVLITGITPQEARAK
GENEAAFAARIHSLFTVPKTCILGYNNVRFDDEVTRNIFYRNFYDPYAWSWQHDNSRWDLLDVMRACYALRPEGINWPEN
DDGLPSFRLEHLTKANGIEHSNAHDAMADVYATIAMAKLVKTRQPRLFDYLFTHRNKHKLMALIDVPQMKPLVHVSGMFG
AWRGNTSWVAPLAWHPENRNAVIMVDLAGDISPLLELDSDTLRERLYTAKTDLGDNAAVPVKLVHINKCPVLAQANTLRP
EDADRLGINRQHCLDNLKILRENPQVREKVVAIFAEAEPFTPSDNVDAQLYNGFFSDADRAAMKIVLETEPRNLPALDIT
FVDKRIEKLLFNYRARNFPGTLDYAEQQRWLEHRRQVFTPEFLQGYADELQMLVQQYADDKEKVALLKALWQYAEEIV
;
A,B
#
loop_
_chem_comp.id
_chem_comp.type
_chem_comp.name
_chem_comp.formula
5CY non-polymer '1-(3-hydroxypropyl)-2-{(1E,3E,5E)-5-[1-(3-hydroxypropyl)-3,3-dimethyl-1,3-dihydro-2H-indol-2-ylidene]penta-1,3-dien-1-y l}-3,3-dimethyl-3H-indolium' 'C31 H39 N2 O2 1'
DA DNA linking 2'-DEOXYADENOSINE-5'-MONOPHOSPHATE 'C10 H14 N5 O6 P'
SO4 non-polymer 'SULFATE ION' 'O4 S -2'
#
# COMPACT_ATOMS: atom_id res chain seq x y z
N GLN C 11 -12.22 9.45 -23.52
CA GLN C 11 -13.46 8.68 -23.23
C GLN C 11 -13.15 7.36 -22.51
N SER C 12 -13.81 7.14 -21.38
CA SER C 12 -13.65 5.88 -20.63
C SER C 12 -14.51 4.79 -21.25
N THR C 13 -14.00 3.56 -21.26
CA THR C 13 -14.68 2.42 -21.89
C THR C 13 -14.60 1.14 -21.05
N PHE C 14 -15.46 0.18 -21.39
CA PHE C 14 -15.47 -1.16 -20.78
C PHE C 14 -15.21 -2.20 -21.84
N LEU C 15 -14.19 -3.04 -21.64
CA LEU C 15 -13.85 -4.09 -22.61
C LEU C 15 -14.14 -5.48 -22.04
N PHE C 16 -15.33 -6.00 -22.36
CA PHE C 16 -15.75 -7.33 -21.92
C PHE C 16 -15.06 -8.41 -22.74
N HIS C 17 -14.36 -9.33 -22.07
CA HIS C 17 -13.64 -10.40 -22.78
C HIS C 17 -13.86 -11.79 -22.18
N ASP C 18 -13.39 -12.81 -22.92
CA ASP C 18 -13.43 -14.20 -22.46
C ASP C 18 -12.54 -15.07 -23.35
N TYR C 19 -11.77 -15.96 -22.72
CA TYR C 19 -10.95 -16.94 -23.46
C TYR C 19 -11.66 -18.30 -23.53
N GLU C 20 -11.39 -19.04 -24.61
CA GLU C 20 -11.70 -20.46 -24.67
C GLU C 20 -10.39 -21.20 -24.90
N THR C 21 -9.94 -21.92 -23.87
CA THR C 21 -8.58 -22.49 -23.84
C THR C 21 -8.57 -24.00 -24.05
N PHE C 22 -7.36 -24.57 -24.11
CA PHE C 22 -7.17 -26.02 -24.23
C PHE C 22 -6.92 -26.70 -22.87
N GLY C 23 -7.03 -25.94 -21.77
CA GLY C 23 -6.86 -26.49 -20.43
C GLY C 23 -6.91 -25.47 -19.31
N THR C 24 -6.92 -25.98 -18.07
CA THR C 24 -7.13 -25.16 -16.88
C THR C 24 -5.90 -24.40 -16.38
N HIS C 25 -4.71 -24.78 -16.85
CA HIS C 25 -3.45 -24.14 -16.41
C HIS C 25 -2.98 -23.07 -17.40
N PRO C 26 -3.27 -21.78 -17.12
CA PRO C 26 -2.94 -20.72 -18.06
C PRO C 26 -1.44 -20.59 -18.34
N ALA C 27 -0.62 -21.03 -17.39
CA ALA C 27 0.83 -21.08 -17.58
C ALA C 27 1.24 -22.25 -18.49
N LEU C 28 0.50 -23.35 -18.45
CA LEU C 28 0.90 -24.58 -19.15
C LEU C 28 0.00 -24.93 -20.34
N ASP C 29 -1.26 -24.51 -20.29
CA ASP C 29 -2.22 -24.79 -21.36
C ASP C 29 -2.37 -23.59 -22.28
N ARG C 30 -2.54 -23.86 -23.57
CA ARG C 30 -2.61 -22.81 -24.59
C ARG C 30 -4.06 -22.35 -24.80
N PRO C 31 -4.23 -21.10 -25.26
CA PRO C 31 -5.55 -20.58 -25.62
C PRO C 31 -5.98 -21.07 -27.00
N ALA C 32 -7.28 -21.25 -27.18
CA ALA C 32 -7.84 -21.68 -28.47
C ALA C 32 -8.51 -20.49 -29.16
N GLN C 33 -9.40 -19.82 -28.43
CA GLN C 33 -10.15 -18.69 -28.97
C GLN C 33 -10.19 -17.51 -28.01
N PHE C 34 -10.14 -16.30 -28.56
CA PHE C 34 -10.35 -15.08 -27.77
C PHE C 34 -11.50 -14.28 -28.37
N ALA C 35 -12.28 -13.63 -27.51
CA ALA C 35 -13.42 -12.81 -27.93
C ALA C 35 -13.55 -11.59 -27.03
N ALA C 36 -13.90 -10.45 -27.61
CA ALA C 36 -14.04 -9.20 -26.84
C ALA C 36 -14.88 -8.12 -27.54
N ILE C 37 -15.66 -7.39 -26.76
CA ILE C 37 -16.49 -6.28 -27.28
C ILE C 37 -16.26 -5.00 -26.48
N ARG C 38 -16.10 -3.89 -27.18
CA ARG C 38 -15.91 -2.57 -26.57
C ARG C 38 -17.27 -1.95 -26.24
N THR C 39 -17.38 -1.36 -25.05
CA THR C 39 -18.64 -0.74 -24.61
C THR C 39 -18.36 0.53 -23.78
N ASP C 40 -19.44 1.26 -23.46
CA ASP C 40 -19.34 2.53 -22.72
C ASP C 40 -19.93 2.42 -21.31
N SER C 41 -19.99 3.54 -20.60
CA SER C 41 -20.50 3.60 -19.22
C SER C 41 -21.87 2.93 -19.05
N GLU C 42 -22.76 3.14 -20.02
CA GLU C 42 -24.10 2.56 -19.98
C GLU C 42 -24.18 1.19 -20.65
N PHE C 43 -23.04 0.61 -20.98
CA PHE C 43 -22.94 -0.71 -21.63
C PHE C 43 -23.63 -0.74 -23.00
N ASN C 44 -23.24 0.21 -23.85
CA ASN C 44 -23.68 0.25 -25.24
C ASN C 44 -22.49 -0.07 -26.14
N VAL C 45 -22.74 -0.89 -27.18
CA VAL C 45 -21.66 -1.41 -28.00
C VAL C 45 -20.96 -0.28 -28.77
N ILE C 46 -19.65 -0.20 -28.61
CA ILE C 46 -18.80 0.66 -29.43
C ILE C 46 -18.06 -0.27 -30.39
N GLY C 47 -17.94 0.14 -31.66
CA GLY C 47 -17.19 -0.62 -32.65
C GLY C 47 -17.67 -2.04 -32.89
N GLU C 48 -16.85 -2.84 -33.56
CA GLU C 48 -17.21 -4.21 -33.94
C GLU C 48 -16.63 -5.23 -32.95
N PRO C 49 -17.29 -6.38 -32.82
CA PRO C 49 -16.82 -7.44 -31.92
C PRO C 49 -15.55 -8.12 -32.43
N GLU C 50 -14.58 -8.31 -31.54
CA GLU C 50 -13.29 -8.91 -31.87
C GLU C 50 -13.29 -10.39 -31.53
N VAL C 51 -13.08 -11.25 -32.53
CA VAL C 51 -12.99 -12.70 -32.32
C VAL C 51 -11.88 -13.29 -33.18
N PHE C 52 -11.01 -14.08 -32.56
CA PHE C 52 -9.95 -14.77 -33.28
C PHE C 52 -9.37 -15.96 -32.51
N TYR C 53 -8.76 -16.87 -33.26
CA TYR C 53 -8.26 -18.15 -32.75
C TYR C 53 -6.73 -18.19 -32.73
N CYS C 54 -6.18 -18.96 -31.78
CA CYS C 54 -4.73 -19.12 -31.66
C CYS C 54 -4.29 -20.49 -32.14
N LYS C 55 -3.27 -20.51 -33.01
CA LYS C 55 -2.67 -21.76 -33.46
C LYS C 55 -1.78 -22.32 -32.35
N PRO C 56 -2.10 -23.53 -31.84
CA PRO C 56 -1.24 -24.13 -30.83
C PRO C 56 0.06 -24.63 -31.46
N ALA C 57 1.17 -24.48 -30.74
CA ALA C 57 2.48 -24.89 -31.24
C ALA C 57 2.60 -26.42 -31.23
N ASP C 58 3.63 -26.93 -31.89
CA ASP C 58 3.82 -28.38 -32.06
C ASP C 58 4.54 -29.06 -30.89
N ASP C 59 4.52 -28.42 -29.72
CA ASP C 59 5.08 -29.01 -28.50
C ASP C 59 4.01 -29.10 -27.40
N TYR C 60 2.75 -29.28 -27.81
CA TYR C 60 1.64 -29.24 -26.87
C TYR C 60 0.47 -30.13 -27.32
N LEU C 61 -0.22 -30.71 -26.34
CA LEU C 61 -1.46 -31.43 -26.57
C LEU C 61 -2.52 -30.90 -25.59
N PRO C 62 -3.76 -30.70 -26.09
CA PRO C 62 -4.81 -30.13 -25.26
C PRO C 62 -5.33 -31.11 -24.22
N GLN C 63 -5.92 -30.59 -23.15
CA GLN C 63 -6.63 -31.44 -22.20
C GLN C 63 -7.94 -31.86 -22.84
N PRO C 64 -8.22 -33.17 -22.88
CA PRO C 64 -9.46 -33.61 -23.53
C PRO C 64 -10.71 -33.06 -22.84
N GLY C 65 -10.75 -33.14 -21.52
CA GLY C 65 -11.86 -32.58 -20.74
C GLY C 65 -12.15 -31.13 -21.09
N ALA C 66 -11.09 -30.35 -21.30
CA ALA C 66 -11.22 -28.96 -21.73
C ALA C 66 -11.77 -28.84 -23.14
N VAL C 67 -11.43 -29.80 -24.01
CA VAL C 67 -11.89 -29.78 -25.39
C VAL C 67 -13.37 -30.16 -25.46
N LEU C 68 -13.73 -31.27 -24.82
CA LEU C 68 -15.12 -31.72 -24.76
C LEU C 68 -16.07 -30.59 -24.37
N ILE C 69 -15.65 -29.77 -23.41
CA ILE C 69 -16.43 -28.62 -22.97
C ILE C 69 -16.59 -27.57 -24.08
N THR C 70 -15.53 -27.33 -24.84
CA THR C 70 -15.51 -26.21 -25.80
C THR C 70 -16.11 -26.58 -27.14
N GLY C 71 -15.85 -27.81 -27.59
CA GLY C 71 -16.22 -28.24 -28.94
C GLY C 71 -15.32 -27.61 -29.98
N ILE C 72 -14.07 -27.34 -29.59
CA ILE C 72 -13.09 -26.67 -30.46
C ILE C 72 -11.81 -27.51 -30.53
N THR C 73 -11.58 -28.12 -31.69
CA THR C 73 -10.43 -29.01 -31.88
C THR C 73 -9.16 -28.21 -32.20
N PRO C 74 -7.99 -28.84 -32.07
CA PRO C 74 -6.73 -28.22 -32.51
C PRO C 74 -6.68 -27.99 -34.02
N GLN C 75 -7.35 -28.83 -34.79
CA GLN C 75 -7.39 -28.69 -36.25
C GLN C 75 -8.17 -27.44 -36.65
N GLU C 76 -9.21 -27.13 -35.88
CA GLU C 76 -10.01 -25.92 -36.10
C GLU C 76 -9.14 -24.69 -35.83
N ALA C 77 -8.64 -24.58 -34.60
CA ALA C 77 -7.80 -23.46 -34.18
C ALA C 77 -6.59 -23.30 -35.10
N ARG C 78 -5.98 -24.42 -35.46
CA ARG C 78 -4.86 -24.43 -36.40
C ARG C 78 -5.26 -23.94 -37.78
N ALA C 79 -6.51 -24.19 -38.17
CA ALA C 79 -7.00 -23.80 -39.50
C ALA C 79 -7.38 -22.33 -39.53
N LYS C 80 -8.21 -21.91 -38.59
CA LYS C 80 -8.77 -20.56 -38.58
C LYS C 80 -7.89 -19.51 -37.90
N GLY C 81 -7.02 -19.94 -36.99
CA GLY C 81 -6.31 -19.02 -36.09
C GLY C 81 -4.94 -18.57 -36.55
N GLU C 82 -4.31 -17.72 -35.74
CA GLU C 82 -2.94 -17.23 -35.99
C GLU C 82 -2.00 -17.65 -34.85
N ASN C 83 -0.72 -17.27 -34.95
CA ASN C 83 0.25 -17.68 -33.94
C ASN C 83 0.19 -16.85 -32.65
N GLU C 84 0.65 -17.46 -31.55
CA GLU C 84 0.49 -16.89 -30.21
C GLU C 84 1.12 -15.51 -30.06
N ALA C 85 2.16 -15.23 -30.85
CA ALA C 85 2.78 -13.90 -30.87
C ALA C 85 1.85 -12.85 -31.46
N ALA C 86 1.07 -13.23 -32.47
CA ALA C 86 0.11 -12.31 -33.10
C ALA C 86 -1.11 -12.22 -32.21
N PHE C 87 -1.57 -13.39 -31.76
CA PHE C 87 -2.63 -13.50 -30.76
C PHE C 87 -2.36 -12.55 -29.58
N ALA C 88 -1.12 -12.55 -29.10
CA ALA C 88 -0.69 -11.68 -28.00
C ALA C 88 -0.68 -10.22 -28.41
N ALA C 89 -0.42 -9.94 -29.69
CA ALA C 89 -0.43 -8.58 -30.20
C ALA C 89 -1.85 -8.03 -30.25
N ARG C 90 -2.71 -8.72 -31.01
CA ARG C 90 -4.11 -8.27 -31.19
C ARG C 90 -4.80 -7.96 -29.86
N ILE C 91 -4.53 -8.77 -28.84
CA ILE C 91 -5.06 -8.55 -27.50
C ILE C 91 -4.42 -7.32 -26.85
N HIS C 92 -3.10 -7.23 -26.94
CA HIS C 92 -2.37 -6.14 -26.30
C HIS C 92 -2.76 -4.79 -26.89
N SER C 93 -3.08 -4.80 -28.19
CA SER C 93 -3.55 -3.60 -28.89
C SER C 93 -4.88 -3.15 -28.31
N LEU C 94 -5.82 -4.10 -28.21
CA LEU C 94 -7.15 -3.83 -27.65
C LEU C 94 -7.07 -3.42 -26.18
N PHE C 95 -6.09 -3.98 -25.47
CA PHE C 95 -5.97 -3.76 -24.02
C PHE C 95 -5.21 -2.48 -23.67
N THR C 96 -4.27 -2.07 -24.53
CA THR C 96 -3.49 -0.85 -24.31
C THR C 96 -4.33 0.43 -24.39
N VAL C 97 -5.42 0.39 -25.15
CA VAL C 97 -6.31 1.55 -25.33
C VAL C 97 -6.58 2.22 -23.99
N PRO C 98 -6.25 3.52 -23.86
CA PRO C 98 -6.35 4.21 -22.58
C PRO C 98 -7.79 4.33 -22.05
N LYS C 99 -7.91 4.53 -20.75
CA LYS C 99 -9.21 4.67 -20.08
C LYS C 99 -10.14 3.47 -20.28
N THR C 100 -9.56 2.27 -20.39
CA THR C 100 -10.34 1.05 -20.61
C THR C 100 -10.38 0.21 -19.34
N CYS C 101 -11.58 -0.25 -18.98
CA CYS C 101 -11.73 -1.19 -17.88
C CYS C 101 -11.98 -2.57 -18.47
N ILE C 102 -11.04 -3.49 -18.26
CA ILE C 102 -11.11 -4.82 -18.84
C ILE C 102 -11.78 -5.77 -17.85
N LEU C 103 -12.78 -6.52 -18.32
CA LEU C 103 -13.56 -7.37 -17.43
C LEU C 103 -14.21 -8.58 -18.11
N GLY C 104 -14.71 -9.48 -17.27
CA GLY C 104 -15.38 -10.70 -17.72
C GLY C 104 -16.03 -11.39 -16.54
N TYR C 105 -16.38 -12.66 -16.71
CA TYR C 105 -16.99 -13.44 -15.63
C TYR C 105 -15.98 -14.44 -15.06
N ASN C 106 -15.52 -14.15 -13.84
CA ASN C 106 -14.40 -14.87 -13.22
C ASN C 106 -13.13 -14.78 -14.08
N ASN C 107 -12.78 -13.55 -14.45
CA ASN C 107 -11.57 -13.31 -15.23
C ASN C 107 -10.32 -13.24 -14.35
N VAL C 108 -10.43 -12.61 -13.18
CA VAL C 108 -9.28 -12.41 -12.30
C VAL C 108 -8.65 -13.74 -11.89
N ARG C 109 -9.48 -14.73 -11.58
CA ARG C 109 -9.02 -16.04 -11.14
C ARG C 109 -8.54 -16.91 -12.30
N PHE C 110 -8.91 -16.56 -13.53
CA PHE C 110 -8.56 -17.35 -14.70
C PHE C 110 -8.08 -16.50 -15.89
N ASP C 111 -9.01 -15.85 -16.59
CA ASP C 111 -8.70 -15.23 -17.88
C ASP C 111 -7.47 -14.31 -17.81
N ASP C 112 -7.49 -13.40 -16.84
CA ASP C 112 -6.36 -12.52 -16.58
C ASP C 112 -5.06 -13.32 -16.56
N GLU C 113 -5.04 -14.36 -15.74
CA GLU C 113 -3.86 -15.23 -15.62
C GLU C 113 -3.39 -15.73 -16.98
N VAL C 114 -4.32 -15.99 -17.89
CA VAL C 114 -3.96 -16.33 -19.26
C VAL C 114 -3.24 -15.13 -19.88
N THR C 115 -3.93 -13.98 -19.91
CA THR C 115 -3.39 -12.77 -20.52
C THR C 115 -1.96 -12.53 -20.06
N ARG C 116 -1.77 -12.54 -18.74
CA ARG C 116 -0.46 -12.34 -18.14
C ARG C 116 0.61 -13.27 -18.73
N ASN C 117 0.25 -14.55 -18.88
CA ASN C 117 1.20 -15.54 -19.40
C ASN C 117 1.45 -15.33 -20.88
N ILE C 118 0.37 -15.28 -21.66
CA ILE C 118 0.42 -14.94 -23.07
C ILE C 118 1.36 -13.77 -23.31
N PHE C 119 1.18 -12.70 -22.53
CA PHE C 119 2.06 -11.53 -22.64
C PHE C 119 3.48 -11.85 -22.19
N TYR C 120 3.60 -12.62 -21.11
CA TYR C 120 4.89 -13.05 -20.58
C TYR C 120 5.66 -13.91 -21.58
N ARG C 121 4.95 -14.81 -22.26
CA ARG C 121 5.57 -15.71 -23.24
C ARG C 121 5.92 -15.03 -24.56
N ASN C 122 5.32 -13.87 -24.81
CA ASN C 122 5.50 -13.16 -26.09
C ASN C 122 6.05 -11.74 -25.94
N PHE C 123 6.75 -11.50 -24.84
CA PHE C 123 7.54 -10.28 -24.62
C PHE C 123 6.70 -9.01 -24.56
N TYR C 124 5.48 -9.13 -24.07
CA TYR C 124 4.65 -8.00 -23.72
C TYR C 124 4.60 -7.90 -22.20
N ASP C 125 4.59 -6.69 -21.67
CA ASP C 125 4.50 -6.49 -20.22
C ASP C 125 3.19 -7.13 -19.72
N PRO C 126 3.28 -7.96 -18.67
CA PRO C 126 2.11 -8.72 -18.26
C PRO C 126 1.12 -7.98 -17.34
N TYR C 127 1.47 -6.78 -16.90
CA TYR C 127 0.64 -6.04 -15.92
C TYR C 127 0.19 -4.65 -16.39
N ALA C 128 1.00 -3.97 -17.19
CA ALA C 128 0.73 -2.59 -17.63
C ALA C 128 -0.71 -2.35 -18.07
N TRP C 129 -1.26 -3.29 -18.83
CA TRP C 129 -2.63 -3.20 -19.32
C TRP C 129 -3.70 -3.02 -18.23
N SER C 130 -3.38 -3.44 -17.00
CA SER C 130 -4.34 -3.35 -15.89
C SER C 130 -4.21 -2.07 -15.06
N TRP C 131 -3.37 -1.11 -15.49
CA TRP C 131 -3.23 0.14 -14.75
C TRP C 131 -2.73 1.35 -15.57
N GLN C 132 -1.80 1.14 -16.50
CA GLN C 132 -1.29 2.25 -17.32
C GLN C 132 -2.39 2.97 -18.09
N HIS C 133 -2.21 4.27 -18.29
CA HIS C 133 -3.14 5.11 -19.05
C HIS C 133 -4.58 5.03 -18.52
N ASP C 134 -4.70 5.10 -17.19
CA ASP C 134 -5.99 5.05 -16.50
C ASP C 134 -6.81 3.80 -16.81
N ASN C 135 -6.13 2.68 -17.06
CA ASN C 135 -6.81 1.40 -17.27
C ASN C 135 -7.11 0.73 -15.93
N SER C 136 -7.99 -0.25 -15.96
CA SER C 136 -8.30 -1.04 -14.77
C SER C 136 -8.93 -2.37 -15.15
N ARG C 137 -9.16 -3.21 -14.14
CA ARG C 137 -9.85 -4.48 -14.33
C ARG C 137 -10.94 -4.66 -13.29
N TRP C 138 -11.91 -5.50 -13.63
CA TRP C 138 -13.04 -5.79 -12.76
C TRP C 138 -13.52 -7.21 -13.03
N ASP C 139 -14.25 -7.78 -12.07
CA ASP C 139 -14.76 -9.15 -12.18
C ASP C 139 -16.19 -9.22 -11.66
N LEU C 140 -17.10 -9.75 -12.48
CA LEU C 140 -18.52 -9.71 -12.18
C LEU C 140 -19.05 -10.96 -11.47
N LEU C 141 -18.16 -11.79 -10.93
CA LEU C 141 -18.57 -12.99 -10.19
C LEU C 141 -19.05 -12.60 -8.79
N ASP C 142 -18.14 -12.00 -8.03
CA ASP C 142 -18.44 -11.52 -6.69
C ASP C 142 -19.42 -10.35 -6.68
N VAL C 143 -19.62 -9.74 -7.84
CA VAL C 143 -20.71 -8.77 -8.02
C VAL C 143 -22.02 -9.53 -7.91
N MET C 144 -22.22 -10.51 -8.79
CA MET C 144 -23.43 -11.33 -8.77
C MET C 144 -23.59 -11.95 -7.39
N ARG C 145 -22.48 -12.42 -6.82
CA ARG C 145 -22.51 -12.97 -5.47
C ARG C 145 -22.87 -11.94 -4.41
N ALA C 146 -22.52 -10.68 -4.64
CA ALA C 146 -22.85 -9.61 -3.70
C ALA C 146 -24.33 -9.25 -3.81
N CYS C 147 -24.76 -8.94 -5.03
CA CYS C 147 -26.13 -8.52 -5.32
C CYS C 147 -27.18 -9.43 -4.67
N TYR C 148 -26.97 -10.74 -4.78
CA TYR C 148 -27.85 -11.72 -4.14
C TYR C 148 -27.80 -11.59 -2.62
N ALA C 149 -26.59 -11.52 -2.07
CA ALA C 149 -26.39 -11.60 -0.63
C ALA C 149 -26.83 -10.34 0.10
N LEU C 150 -26.76 -9.21 -0.60
CA LEU C 150 -27.00 -7.90 -0.01
C LEU C 150 -28.27 -7.25 -0.56
N ARG C 151 -28.39 -7.23 -1.89
CA ARG C 151 -29.47 -6.52 -2.56
C ARG C 151 -30.10 -7.38 -3.66
N PRO C 152 -30.79 -8.46 -3.28
CA PRO C 152 -31.34 -9.45 -4.20
C PRO C 152 -32.61 -9.05 -4.97
N GLU C 153 -33.25 -7.95 -4.60
CA GLU C 153 -34.54 -7.57 -5.20
C GLU C 153 -34.42 -7.22 -6.68
N GLY C 154 -35.28 -7.79 -7.50
CA GLY C 154 -35.38 -7.44 -8.93
C GLY C 154 -34.74 -8.40 -9.90
N ILE C 155 -33.88 -9.29 -9.38
CA ILE C 155 -33.18 -10.27 -10.22
C ILE C 155 -33.48 -11.68 -9.71
N ASN C 156 -33.71 -12.60 -10.63
CA ASN C 156 -33.98 -14.01 -10.29
C ASN C 156 -32.70 -14.76 -9.96
N TRP C 157 -32.78 -15.64 -8.96
CA TRP C 157 -31.62 -16.41 -8.49
C TRP C 157 -31.93 -17.91 -8.52
N PRO C 158 -31.14 -18.69 -9.28
CA PRO C 158 -31.30 -20.16 -9.36
C PRO C 158 -31.20 -20.89 -8.01
N GLU C 159 -31.62 -22.16 -7.98
CA GLU C 159 -31.68 -22.95 -6.75
C GLU C 159 -31.12 -24.38 -6.85
N ASN C 160 -31.28 -25.02 -8.00
CA ASN C 160 -30.82 -26.41 -8.23
C ASN C 160 -31.55 -27.44 -7.37
N ASP C 161 -31.19 -28.71 -7.52
CA ASP C 161 -31.70 -29.78 -6.67
C ASP C 161 -31.20 -29.63 -5.23
N ASP C 162 -29.99 -29.08 -5.07
CA ASP C 162 -29.43 -28.81 -3.75
C ASP C 162 -30.21 -27.72 -3.01
N GLY C 163 -30.69 -26.72 -3.75
CA GLY C 163 -31.48 -25.63 -3.17
C GLY C 163 -30.60 -24.50 -2.70
N LEU C 164 -29.46 -24.32 -3.37
CA LEU C 164 -28.51 -23.25 -3.06
C LEU C 164 -28.33 -22.34 -4.27
N PRO C 165 -27.85 -21.09 -4.05
CA PRO C 165 -27.67 -20.18 -5.18
C PRO C 165 -26.53 -20.59 -6.11
N SER C 166 -26.85 -20.75 -7.39
CA SER C 166 -25.85 -21.04 -8.41
C SER C 166 -25.54 -19.76 -9.18
N PHE C 167 -24.27 -19.36 -9.16
CA PHE C 167 -23.81 -18.19 -9.91
C PHE C 167 -23.03 -18.59 -11.16
N ARG C 168 -23.56 -19.57 -11.90
CA ARG C 168 -23.03 -19.94 -13.20
C ARG C 168 -23.72 -19.10 -14.27
N LEU C 169 -22.93 -18.48 -15.16
CA LEU C 169 -23.46 -17.54 -16.14
C LEU C 169 -24.67 -18.10 -16.88
N GLU C 170 -24.49 -19.27 -17.50
CA GLU C 170 -25.57 -19.97 -18.20
C GLU C 170 -26.80 -20.15 -17.30
N HIS C 171 -26.56 -20.49 -16.03
CA HIS C 171 -27.64 -20.65 -15.06
C HIS C 171 -28.29 -19.31 -14.69
N LEU C 172 -27.56 -18.21 -14.85
CA LEU C 172 -28.10 -16.88 -14.55
C LEU C 172 -28.89 -16.31 -15.73
N THR C 173 -28.34 -16.44 -16.93
CA THR C 173 -28.99 -15.93 -18.14
C THR C 173 -30.35 -16.59 -18.39
N LYS C 174 -30.37 -17.92 -18.28
CA LYS C 174 -31.60 -18.70 -18.47
C LYS C 174 -32.65 -18.39 -17.39
N ALA C 175 -32.19 -18.08 -16.18
CA ALA C 175 -33.09 -17.78 -15.07
C ALA C 175 -33.75 -16.41 -15.23
N ASN C 176 -33.15 -15.55 -16.05
CA ASN C 176 -33.68 -14.20 -16.29
C ASN C 176 -34.04 -13.94 -17.76
N GLY C 177 -33.97 -14.97 -18.61
CA GLY C 177 -34.41 -14.87 -20.01
C GLY C 177 -33.42 -14.16 -20.90
N ILE C 178 -32.23 -14.74 -21.05
CA ILE C 178 -31.19 -14.21 -21.92
C ILE C 178 -30.45 -15.36 -22.60
N HIS C 184 -22.15 -21.97 -25.42
CA HIS C 184 -20.88 -21.94 -24.70
C HIS C 184 -19.78 -21.28 -25.52
N ASP C 185 -20.17 -20.49 -26.53
CA ASP C 185 -19.20 -19.80 -27.39
C ASP C 185 -18.60 -18.59 -26.67
N ALA C 186 -17.34 -18.29 -26.98
CA ALA C 186 -16.63 -17.17 -26.38
C ALA C 186 -17.43 -15.86 -26.52
N MET C 187 -17.84 -15.57 -27.76
CA MET C 187 -18.59 -14.36 -28.07
C MET C 187 -19.98 -14.38 -27.43
N ALA C 188 -20.57 -15.56 -27.31
CA ALA C 188 -21.88 -15.73 -26.69
C ALA C 188 -21.80 -15.49 -25.18
N ASP C 189 -20.68 -15.88 -24.59
CA ASP C 189 -20.46 -15.66 -23.15
C ASP C 189 -20.24 -14.18 -22.82
N VAL C 190 -19.67 -13.43 -23.76
CA VAL C 190 -19.43 -12.00 -23.58
C VAL C 190 -20.76 -11.25 -23.49
N TYR C 191 -21.61 -11.42 -24.51
CA TYR C 191 -22.94 -10.82 -24.50
C TYR C 191 -23.66 -11.16 -23.20
N ALA C 192 -23.70 -12.45 -22.88
CA ALA C 192 -24.27 -12.95 -21.64
C ALA C 192 -23.68 -12.25 -20.40
N THR C 193 -22.40 -11.87 -20.47
CA THR C 193 -21.77 -11.11 -19.40
C THR C 193 -22.27 -9.67 -19.38
N ILE C 194 -22.49 -9.09 -20.56
CA ILE C 194 -22.97 -7.71 -20.66
C ILE C 194 -24.39 -7.63 -20.11
N ALA C 195 -25.26 -8.48 -20.65
CA ALA C 195 -26.66 -8.53 -20.22
C ALA C 195 -26.78 -8.62 -18.71
N MET C 196 -25.95 -9.45 -18.09
CA MET C 196 -25.93 -9.61 -16.63
C MET C 196 -25.39 -8.38 -15.91
N ALA C 197 -24.47 -7.64 -16.54
CA ALA C 197 -24.02 -6.38 -15.97
C ALA C 197 -25.18 -5.39 -16.02
N LYS C 198 -25.68 -5.13 -17.22
CA LYS C 198 -26.88 -4.31 -17.41
C LYS C 198 -27.94 -4.65 -16.38
N LEU C 199 -28.21 -5.94 -16.22
CA LEU C 199 -29.25 -6.42 -15.30
C LEU C 199 -29.00 -5.99 -13.86
N VAL C 200 -27.74 -5.94 -13.43
CA VAL C 200 -27.45 -5.55 -12.05
C VAL C 200 -27.40 -4.03 -11.95
N LYS C 201 -26.94 -3.39 -13.01
CA LYS C 201 -26.90 -1.93 -13.07
C LYS C 201 -28.31 -1.35 -12.98
N THR C 202 -29.17 -1.72 -13.93
CA THR C 202 -30.54 -1.20 -14.01
C THR C 202 -31.35 -1.48 -12.74
N ARG C 203 -31.32 -2.74 -12.30
CA ARG C 203 -32.09 -3.18 -11.14
C ARG C 203 -31.51 -2.67 -9.82
N GLN C 204 -30.18 -2.64 -9.73
CA GLN C 204 -29.51 -2.32 -8.47
C GLN C 204 -28.24 -1.48 -8.71
N PRO C 205 -28.41 -0.27 -9.27
CA PRO C 205 -27.27 0.59 -9.62
C PRO C 205 -26.46 1.09 -8.43
N ARG C 206 -27.11 1.31 -7.29
CA ARG C 206 -26.43 1.89 -6.11
C ARG C 206 -25.36 0.96 -5.54
N LEU C 207 -25.60 -0.35 -5.60
CA LEU C 207 -24.61 -1.33 -5.20
C LEU C 207 -23.52 -1.41 -6.26
N PHE C 208 -23.93 -1.69 -7.49
CA PHE C 208 -23.04 -1.76 -8.66
C PHE C 208 -21.92 -0.72 -8.56
N ASP C 209 -22.29 0.57 -8.58
CA ASP C 209 -21.32 1.66 -8.56
C ASP C 209 -20.35 1.56 -7.39
N TYR C 210 -20.85 1.17 -6.23
CA TYR C 210 -20.00 0.97 -5.06
C TYR C 210 -18.97 -0.11 -5.35
N LEU C 211 -19.42 -1.22 -5.94
CA LEU C 211 -18.53 -2.34 -6.20
C LEU C 211 -17.53 -1.99 -7.30
N PHE C 212 -17.96 -1.12 -8.20
CA PHE C 212 -17.12 -0.67 -9.30
C PHE C 212 -16.04 0.29 -8.82
N THR C 213 -16.43 1.32 -8.08
CA THR C 213 -15.48 2.32 -7.59
C THR C 213 -14.48 1.74 -6.60
N HIS C 214 -14.86 0.65 -5.93
CA HIS C 214 -13.98 -0.03 -4.98
C HIS C 214 -13.32 -1.28 -5.58
N ARG C 215 -13.09 -1.27 -6.89
CA ARG C 215 -12.31 -2.31 -7.55
C ARG C 215 -10.81 -2.03 -7.38
N ASN C 216 -10.47 -0.75 -7.19
CA ASN C 216 -9.08 -0.35 -6.94
C ASN C 216 -8.66 -0.68 -5.51
N LYS C 217 -7.58 -1.45 -5.38
CA LYS C 217 -6.99 -1.79 -4.09
C LYS C 217 -6.77 -0.56 -3.21
N HIS C 218 -6.37 0.55 -3.84
CA HIS C 218 -6.15 1.81 -3.12
C HIS C 218 -7.44 2.34 -2.49
N LYS C 219 -8.57 2.08 -3.13
CA LYS C 219 -9.87 2.45 -2.56
C LYS C 219 -10.20 1.53 -1.38
N LEU C 220 -10.16 0.23 -1.64
CA LEU C 220 -10.46 -0.79 -0.62
C LEU C 220 -9.69 -0.54 0.68
N MET C 221 -8.43 -0.12 0.53
CA MET C 221 -7.59 0.32 1.65
C MET C 221 -8.36 1.15 2.68
N ALA C 222 -9.12 2.11 2.17
CA ALA C 222 -9.93 3.02 3.01
C ALA C 222 -10.81 2.27 4.01
N LEU C 223 -11.29 1.09 3.63
CA LEU C 223 -12.13 0.29 4.51
C LEU C 223 -11.37 -0.41 5.64
N ILE C 224 -10.05 -0.55 5.50
CA ILE C 224 -9.25 -1.37 6.41
C ILE C 224 -8.58 -0.55 7.51
N ASP C 225 -9.16 -0.60 8.71
CA ASP C 225 -8.56 0.00 9.92
C ASP C 225 -8.06 -1.14 10.82
N VAL C 226 -6.82 -1.55 10.59
CA VAL C 226 -6.28 -2.77 11.19
C VAL C 226 -6.16 -2.72 12.72
N PRO C 227 -5.60 -1.63 13.28
CA PRO C 227 -5.52 -1.56 14.74
C PRO C 227 -6.89 -1.59 15.43
N GLN C 228 -7.82 -0.80 14.93
CA GLN C 228 -9.19 -0.76 15.47
C GLN C 228 -10.01 -2.01 15.11
N MET C 229 -9.54 -2.78 14.13
CA MET C 229 -10.20 -4.01 13.71
C MET C 229 -11.67 -3.78 13.34
N LYS C 230 -11.90 -2.79 12.49
CA LYS C 230 -13.26 -2.44 12.06
C LYS C 230 -13.84 -3.58 11.24
N PRO C 231 -14.97 -4.16 11.70
CA PRO C 231 -15.56 -5.30 10.98
C PRO C 231 -16.11 -4.90 9.61
N LEU C 232 -15.96 -5.80 8.63
CA LEU C 232 -16.34 -5.54 7.24
C LEU C 232 -17.13 -6.70 6.66
N VAL C 233 -18.04 -6.38 5.74
CA VAL C 233 -18.84 -7.38 5.05
C VAL C 233 -18.01 -7.91 3.88
N HIS C 234 -17.64 -9.19 3.93
CA HIS C 234 -16.87 -9.80 2.85
C HIS C 234 -17.70 -10.84 2.12
N VAL C 235 -17.70 -10.76 0.79
CA VAL C 235 -18.41 -11.71 -0.06
C VAL C 235 -17.37 -12.48 -0.86
N SER C 236 -17.42 -13.81 -0.77
CA SER C 236 -16.45 -14.68 -1.41
C SER C 236 -16.98 -16.10 -1.49
N GLY C 237 -16.63 -16.81 -2.56
CA GLY C 237 -17.07 -18.20 -2.76
C GLY C 237 -16.59 -19.12 -1.65
N MET C 238 -15.34 -18.91 -1.22
CA MET C 238 -14.73 -19.73 -0.16
C MET C 238 -15.54 -19.82 1.13
N PHE C 239 -16.42 -18.85 1.37
CA PHE C 239 -17.36 -18.93 2.50
C PHE C 239 -18.36 -20.07 2.28
N GLY C 240 -18.98 -20.09 1.09
CA GLY C 240 -19.92 -21.15 0.73
C GLY C 240 -21.30 -20.64 0.41
N ALA C 241 -21.99 -21.34 -0.51
CA ALA C 241 -23.33 -20.96 -0.96
C ALA C 241 -24.34 -20.95 0.18
N TRP C 242 -24.20 -21.90 1.10
CA TRP C 242 -25.07 -21.97 2.28
C TRP C 242 -25.01 -20.73 3.18
N ARG C 243 -23.92 -19.96 3.08
CA ARG C 243 -23.79 -18.67 3.77
C ARG C 243 -24.04 -17.50 2.80
N GLY C 244 -24.74 -17.77 1.71
CA GLY C 244 -24.88 -16.79 0.62
C GLY C 244 -23.53 -16.21 0.21
N ASN C 245 -22.48 -17.03 0.31
CA ASN C 245 -21.10 -16.60 0.06
C ASN C 245 -20.68 -15.37 0.87
N THR C 246 -21.28 -15.18 2.05
CA THR C 246 -21.12 -13.90 2.77
C THR C 246 -20.84 -14.06 4.26
N SER C 247 -20.03 -13.15 4.79
CA SER C 247 -19.80 -13.07 6.24
C SER C 247 -19.16 -11.75 6.66
N TRP C 248 -19.15 -11.54 7.98
CA TRP C 248 -18.45 -10.41 8.59
C TRP C 248 -17.03 -10.83 8.92
N VAL C 249 -16.07 -9.95 8.68
CA VAL C 249 -14.66 -10.26 8.90
C VAL C 249 -13.93 -9.06 9.52
N ALA C 250 -12.98 -9.37 10.42
CA ALA C 250 -12.22 -8.34 11.12
C ALA C 250 -10.73 -8.48 10.79
N PRO C 251 -10.13 -7.43 10.20
CA PRO C 251 -8.73 -7.53 9.79
C PRO C 251 -7.76 -7.60 10.98
N LEU C 252 -7.01 -8.69 11.08
CA LEU C 252 -6.03 -8.82 12.17
C LEU C 252 -4.76 -8.05 11.84
N ALA C 253 -4.19 -8.32 10.66
CA ALA C 253 -2.94 -7.68 10.27
C ALA C 253 -2.60 -7.89 8.79
N TRP C 254 -1.65 -7.07 8.32
CA TRP C 254 -1.15 -7.18 6.95
C TRP C 254 -0.29 -8.43 6.83
N HIS C 255 -0.32 -9.05 5.65
CA HIS C 255 0.51 -10.23 5.37
C HIS C 255 1.97 -9.77 5.39
N PRO C 256 2.83 -10.50 6.14
CA PRO C 256 4.21 -10.02 6.42
C PRO C 256 5.13 -9.89 5.21
N GLU C 257 4.96 -10.75 4.21
CA GLU C 257 5.80 -10.74 3.01
C GLU C 257 5.03 -10.16 1.82
N ASN C 258 3.87 -10.74 1.54
CA ASN C 258 2.98 -10.26 0.49
C ASN C 258 2.27 -8.98 0.91
N ARG C 259 2.36 -7.93 0.09
CA ARG C 259 1.79 -6.64 0.45
C ARG C 259 0.31 -6.51 0.10
N ASN C 260 -0.13 -7.17 -0.96
CA ASN C 260 -1.53 -7.09 -1.40
C ASN C 260 -2.47 -7.96 -0.56
N ALA C 261 -1.92 -8.86 0.25
CA ALA C 261 -2.73 -9.72 1.09
C ALA C 261 -2.94 -9.12 2.47
N VAL C 262 -4.15 -9.23 3.01
CA VAL C 262 -4.43 -8.82 4.39
C VAL C 262 -5.19 -9.92 5.11
N ILE C 263 -4.80 -10.19 6.36
CA ILE C 263 -5.30 -11.33 7.12
C ILE C 263 -6.63 -11.04 7.82
N MET C 264 -7.69 -11.67 7.33
CA MET C 264 -9.04 -11.51 7.88
C MET C 264 -9.42 -12.71 8.74
N VAL C 265 -10.01 -12.41 9.90
CA VAL C 265 -10.59 -13.43 10.78
C VAL C 265 -12.09 -13.47 10.55
N ASP C 266 -12.63 -14.66 10.33
CA ASP C 266 -14.07 -14.82 10.16
C ASP C 266 -14.74 -14.75 11.52
N LEU C 267 -15.57 -13.73 11.71
CA LEU C 267 -16.26 -13.50 12.97
C LEU C 267 -17.39 -14.50 13.19
N ALA C 268 -17.96 -15.00 12.10
CA ALA C 268 -18.96 -16.06 12.16
C ALA C 268 -18.27 -17.43 12.11
N GLY C 269 -17.78 -17.87 13.27
CA GLY C 269 -17.07 -19.14 13.38
C GLY C 269 -16.44 -19.33 14.74
N ASP C 270 -16.00 -20.56 15.02
CA ASP C 270 -15.40 -20.90 16.31
C ASP C 270 -13.97 -20.34 16.40
N ILE C 271 -13.80 -19.30 17.22
CA ILE C 271 -12.51 -18.63 17.37
C ILE C 271 -11.57 -19.33 18.35
N SER C 272 -12.12 -20.21 19.19
CA SER C 272 -11.36 -20.85 20.28
C SER C 272 -10.01 -21.46 19.86
N PRO C 273 -9.92 -22.09 18.67
CA PRO C 273 -8.61 -22.56 18.22
C PRO C 273 -7.51 -21.49 18.20
N LEU C 274 -7.87 -20.24 17.87
CA LEU C 274 -6.89 -19.16 17.79
C LEU C 274 -6.27 -18.82 19.14
N LEU C 275 -7.07 -18.93 20.21
CA LEU C 275 -6.61 -18.59 21.56
C LEU C 275 -5.81 -19.73 22.18
N GLU C 276 -6.29 -20.95 21.98
CA GLU C 276 -5.72 -22.14 22.62
C GLU C 276 -4.41 -22.56 21.98
N LEU C 277 -4.45 -22.85 20.68
CA LEU C 277 -3.30 -23.39 19.96
C LEU C 277 -2.32 -22.29 19.57
N ASP C 278 -1.03 -22.59 19.66
CA ASP C 278 0.03 -21.64 19.29
C ASP C 278 0.31 -21.66 17.79
N SER C 279 0.93 -20.59 17.30
CA SER C 279 1.15 -20.37 15.86
C SER C 279 1.53 -21.65 15.11
N ASP C 280 2.69 -22.22 15.46
CA ASP C 280 3.19 -23.43 14.82
C ASP C 280 2.11 -24.50 14.65
N THR C 281 1.28 -24.66 15.67
CA THR C 281 0.15 -25.59 15.59
C THR C 281 -0.89 -25.04 14.62
N LEU C 282 -1.35 -23.81 14.88
CA LEU C 282 -2.42 -23.17 14.09
C LEU C 282 -2.14 -23.24 12.60
N ARG C 283 -0.87 -23.16 12.24
CA ARG C 283 -0.44 -23.30 10.86
C ARG C 283 -0.77 -24.69 10.34
N GLU C 284 -0.27 -25.71 11.03
CA GLU C 284 -0.51 -27.10 10.63
C GLU C 284 -2.01 -27.40 10.61
N ARG C 285 -2.72 -26.75 11.51
CA ARG C 285 -4.18 -26.85 11.59
C ARG C 285 -4.87 -26.08 10.45
N LEU C 286 -4.23 -25.01 9.98
CA LEU C 286 -4.82 -24.17 8.93
C LEU C 286 -4.83 -24.90 7.60
N TYR C 287 -3.72 -25.58 7.30
CA TYR C 287 -3.59 -26.32 6.04
C TYR C 287 -3.94 -27.80 6.24
N THR C 288 -5.14 -28.04 6.78
CA THR C 288 -5.62 -29.39 7.06
C THR C 288 -6.94 -29.60 6.33
N ALA C 289 -7.10 -30.77 5.71
CA ALA C 289 -8.31 -31.07 4.96
C ALA C 289 -9.53 -31.21 5.87
N LYS C 290 -10.71 -30.92 5.32
CA LYS C 290 -11.97 -31.01 6.07
C LYS C 290 -12.36 -32.46 6.35
N THR C 291 -11.92 -33.37 5.48
CA THR C 291 -12.23 -34.80 5.62
C THR C 291 -11.54 -35.39 6.84
N ASP C 292 -10.20 -35.32 6.86
CA ASP C 292 -9.41 -35.89 7.96
C ASP C 292 -9.51 -35.09 9.27
N LEU C 293 -9.98 -33.84 9.17
CA LEU C 293 -10.24 -33.04 10.37
C LEU C 293 -11.45 -33.60 11.12
N GLY C 294 -11.21 -34.12 12.32
CA GLY C 294 -12.25 -34.78 13.11
C GLY C 294 -13.15 -33.81 13.86
N ASP C 295 -13.21 -33.96 15.18
CA ASP C 295 -14.05 -33.11 16.03
C ASP C 295 -13.44 -31.73 16.26
N ASN C 296 -12.15 -31.58 15.98
CA ASN C 296 -11.45 -30.31 16.15
C ASN C 296 -11.89 -29.30 15.08
N ALA C 297 -12.13 -28.06 15.50
CA ALA C 297 -12.63 -27.02 14.61
C ALA C 297 -11.52 -26.41 13.76
N ALA C 298 -11.87 -25.95 12.56
CA ALA C 298 -10.92 -25.34 11.62
C ALA C 298 -10.61 -23.90 12.03
N VAL C 299 -9.48 -23.39 11.55
CA VAL C 299 -9.06 -22.03 11.85
C VAL C 299 -9.86 -21.04 10.98
N PRO C 300 -10.65 -20.15 11.61
CA PRO C 300 -11.48 -19.22 10.85
C PRO C 300 -10.69 -18.00 10.40
N VAL C 301 -9.69 -18.22 9.55
CA VAL C 301 -8.82 -17.16 9.07
C VAL C 301 -8.65 -17.29 7.57
N LYS C 302 -8.79 -16.17 6.84
CA LYS C 302 -8.53 -16.17 5.40
C LYS C 302 -7.79 -14.91 4.97
N LEU C 303 -7.01 -15.05 3.91
CA LEU C 303 -6.30 -13.93 3.32
C LEU C 303 -7.24 -13.22 2.35
N VAL C 304 -7.21 -11.89 2.36
CA VAL C 304 -7.91 -11.10 1.35
C VAL C 304 -6.89 -10.36 0.50
N HIS C 305 -6.91 -10.64 -0.81
CA HIS C 305 -5.98 -10.05 -1.76
C HIS C 305 -6.60 -8.80 -2.38
N ILE C 306 -6.20 -7.64 -1.89
CA ILE C 306 -6.83 -6.37 -2.29
C ILE C 306 -6.71 -6.08 -3.78
N ASN C 307 -5.63 -6.56 -4.41
CA ASN C 307 -5.39 -6.33 -5.83
C ASN C 307 -6.19 -7.27 -6.75
N LYS C 308 -6.88 -8.26 -6.17
CA LYS C 308 -7.69 -9.20 -6.95
C LYS C 308 -9.17 -8.82 -6.98
N CYS C 309 -9.49 -7.56 -6.70
CA CYS C 309 -10.87 -7.07 -6.67
C CYS C 309 -11.79 -7.93 -5.79
N PRO C 310 -11.52 -7.97 -4.48
CA PRO C 310 -12.40 -8.63 -3.53
C PRO C 310 -13.50 -7.71 -3.02
N VAL C 311 -14.70 -8.24 -2.86
CA VAL C 311 -15.83 -7.47 -2.36
C VAL C 311 -15.69 -7.24 -0.86
N LEU C 312 -15.46 -5.99 -0.47
CA LEU C 312 -15.46 -5.58 0.92
C LEU C 312 -16.29 -4.30 1.07
N ALA C 313 -17.14 -4.27 2.09
CA ALA C 313 -17.94 -3.10 2.42
C ALA C 313 -18.02 -2.98 3.95
N GLN C 314 -18.66 -1.92 4.44
CA GLN C 314 -18.76 -1.72 5.88
C GLN C 314 -19.97 -2.46 6.46
N ALA C 315 -19.83 -2.90 7.70
CA ALA C 315 -20.81 -3.76 8.37
C ALA C 315 -22.25 -3.48 7.97
N ASN C 316 -22.71 -2.25 8.21
CA ASN C 316 -24.11 -1.87 8.00
C ASN C 316 -24.65 -2.10 6.59
N THR C 317 -23.77 -2.31 5.62
CA THR C 317 -24.20 -2.70 4.27
C THR C 317 -25.00 -3.99 4.34
N LEU C 318 -24.59 -4.90 5.23
CA LEU C 318 -25.34 -6.13 5.51
C LEU C 318 -26.34 -5.82 6.62
N ARG C 319 -27.61 -5.75 6.27
CA ARG C 319 -28.67 -5.38 7.21
C ARG C 319 -29.17 -6.62 7.96
N PRO C 320 -29.62 -6.44 9.22
CA PRO C 320 -30.08 -7.56 10.05
C PRO C 320 -30.98 -8.54 9.29
N GLU C 321 -32.03 -8.03 8.66
CA GLU C 321 -32.95 -8.87 7.88
C GLU C 321 -32.21 -9.77 6.88
N ASP C 322 -31.21 -9.21 6.22
CA ASP C 322 -30.39 -9.96 5.28
C ASP C 322 -29.55 -11.02 6.00
N ALA C 323 -29.06 -10.68 7.20
CA ALA C 323 -28.28 -11.61 7.99
C ALA C 323 -29.16 -12.77 8.44
N ASP C 324 -30.43 -12.46 8.70
CA ASP C 324 -31.41 -13.47 9.08
C ASP C 324 -31.78 -14.32 7.87
N ARG C 325 -31.90 -13.70 6.70
CA ARG C 325 -32.17 -14.44 5.48
C ARG C 325 -31.02 -15.38 5.13
N LEU C 326 -29.78 -14.87 5.23
CA LEU C 326 -28.60 -15.67 4.89
C LEU C 326 -28.22 -16.69 5.98
N GLY C 327 -28.51 -16.37 7.23
CA GLY C 327 -28.25 -17.28 8.35
C GLY C 327 -26.94 -16.99 9.03
N ILE C 328 -26.75 -15.72 9.41
CA ILE C 328 -25.53 -15.25 10.06
C ILE C 328 -25.87 -14.62 11.40
N ASN C 329 -25.45 -15.26 12.49
CA ASN C 329 -25.74 -14.78 13.83
C ASN C 329 -24.88 -13.56 14.17
N ARG C 330 -25.42 -12.38 13.86
CA ARG C 330 -24.73 -11.11 14.12
C ARG C 330 -24.08 -11.09 15.51
N GLN C 331 -24.88 -11.41 16.53
CA GLN C 331 -24.40 -11.46 17.91
C GLN C 331 -23.12 -12.29 18.04
N HIS C 332 -23.11 -13.46 17.41
CA HIS C 332 -21.94 -14.34 17.44
C HIS C 332 -20.71 -13.66 16.85
N CYS C 333 -20.93 -12.81 15.83
CA CYS C 333 -19.84 -12.05 15.22
C CYS C 333 -19.40 -10.90 16.15
N LEU C 334 -20.39 -10.26 16.77
CA LEU C 334 -20.13 -9.14 17.68
C LEU C 334 -19.39 -9.58 18.94
N ASP C 335 -19.68 -10.78 19.43
CA ASP C 335 -19.01 -11.32 20.62
C ASP C 335 -17.52 -11.57 20.34
N ASN C 336 -17.26 -12.41 19.34
CA ASN C 336 -15.89 -12.79 18.97
C ASN C 336 -14.96 -11.60 18.75
N LEU C 337 -15.50 -10.52 18.17
CA LEU C 337 -14.75 -9.28 17.97
C LEU C 337 -14.28 -8.70 19.30
N LYS C 338 -15.14 -8.75 20.32
CA LYS C 338 -14.80 -8.23 21.65
C LYS C 338 -13.64 -9.04 22.24
N ILE C 339 -13.68 -10.35 22.04
CA ILE C 339 -12.65 -11.25 22.54
C ILE C 339 -11.34 -11.03 21.79
N LEU C 340 -11.44 -10.94 20.46
CA LEU C 340 -10.27 -10.66 19.62
C LEU C 340 -9.63 -9.33 19.97
N ARG C 341 -10.46 -8.30 20.19
CA ARG C 341 -9.97 -7.00 20.67
C ARG C 341 -9.40 -7.12 22.09
N GLU C 342 -9.96 -8.04 22.88
CA GLU C 342 -9.46 -8.32 24.22
C GLU C 342 -8.16 -9.13 24.25
N ASN C 343 -7.83 -9.79 23.13
CA ASN C 343 -6.66 -10.69 23.08
C ASN C 343 -5.66 -10.39 21.95
N PRO C 344 -4.90 -9.29 22.07
CA PRO C 344 -3.84 -8.92 21.11
C PRO C 344 -2.93 -10.08 20.70
N GLN C 345 -2.61 -10.94 21.68
CA GLN C 345 -1.83 -12.16 21.44
C GLN C 345 -2.34 -13.01 20.27
N VAL C 346 -3.63 -12.91 19.96
CA VAL C 346 -4.19 -13.62 18.79
C VAL C 346 -3.53 -13.10 17.50
N ARG C 347 -3.35 -11.78 17.41
CA ARG C 347 -2.67 -11.19 16.25
C ARG C 347 -1.21 -11.62 16.20
N GLU C 348 -0.57 -11.70 17.37
CA GLU C 348 0.81 -12.16 17.47
C GLU C 348 0.90 -13.61 17.00
N LYS C 349 -0.11 -14.39 17.34
CA LYS C 349 -0.15 -15.81 16.98
C LYS C 349 -0.45 -16.01 15.50
N VAL C 350 -1.40 -15.25 14.96
CA VAL C 350 -1.85 -15.46 13.58
C VAL C 350 -0.82 -15.01 12.55
N VAL C 351 -0.34 -13.77 12.65
CA VAL C 351 0.60 -13.24 11.65
C VAL C 351 1.82 -14.17 11.53
N ALA C 352 2.35 -14.58 12.67
CA ALA C 352 3.47 -15.52 12.72
C ALA C 352 3.25 -16.76 11.84
N ILE C 353 2.00 -17.15 11.66
CA ILE C 353 1.67 -18.26 10.74
C ILE C 353 2.19 -17.95 9.34
N PHE C 354 1.86 -16.77 8.84
CA PHE C 354 2.08 -16.44 7.41
C PHE C 354 3.48 -15.87 7.10
N ALA C 355 4.41 -15.97 8.05
CA ALA C 355 5.77 -15.47 7.85
C ALA C 355 6.75 -16.58 7.42
N GLU C 356 6.24 -17.78 7.18
CA GLU C 356 7.08 -18.90 6.76
C GLU C 356 7.53 -18.78 5.30
N ALA C 357 8.60 -19.49 4.97
CA ALA C 357 9.13 -19.52 3.60
C ALA C 357 8.99 -20.91 3.01
N THR C 361 9.37 -25.09 -3.60
CA THR C 361 9.74 -26.06 -4.63
C THR C 361 9.44 -25.53 -6.04
N PRO C 362 10.23 -24.54 -6.51
CA PRO C 362 10.01 -23.90 -7.81
C PRO C 362 10.03 -24.86 -9.02
N SER C 363 9.43 -24.42 -10.11
CA SER C 363 9.36 -25.23 -11.35
C SER C 363 10.52 -24.90 -12.29
N ASP C 364 10.92 -25.89 -13.07
CA ASP C 364 11.98 -25.72 -14.05
C ASP C 364 11.49 -25.04 -15.32
N ASN C 365 10.26 -25.34 -15.73
CA ASN C 365 9.70 -24.83 -16.98
C ASN C 365 9.55 -23.31 -16.97
N VAL C 366 10.27 -22.64 -17.88
CA VAL C 366 10.28 -21.18 -17.97
C VAL C 366 8.85 -20.61 -18.04
N ASP C 367 7.98 -21.31 -18.78
CA ASP C 367 6.56 -20.95 -18.86
C ASP C 367 5.95 -20.68 -17.48
N ALA C 368 6.34 -21.47 -16.48
CA ALA C 368 5.81 -21.35 -15.13
C ALA C 368 6.55 -20.33 -14.26
N GLN C 369 7.58 -19.67 -14.80
CA GLN C 369 8.39 -18.75 -14.00
C GLN C 369 7.97 -17.29 -14.18
N LEU C 370 6.67 -17.04 -14.18
CA LEU C 370 6.14 -15.68 -14.32
C LEU C 370 6.36 -14.85 -13.06
N TYR C 371 6.04 -15.44 -11.91
CA TYR C 371 6.05 -14.69 -10.64
C TYR C 371 7.37 -14.75 -9.90
N ASN C 372 8.42 -15.27 -10.54
CA ASN C 372 9.76 -15.31 -9.95
C ASN C 372 10.26 -13.91 -9.59
N GLY C 373 9.89 -12.92 -10.41
CA GLY C 373 10.20 -11.52 -10.13
C GLY C 373 9.84 -10.62 -11.29
N PHE C 374 9.85 -9.31 -11.06
CA PHE C 374 9.64 -8.35 -12.14
C PHE C 374 10.87 -8.29 -13.03
N PHE C 375 10.69 -7.83 -14.26
CA PHE C 375 11.80 -7.57 -15.16
C PHE C 375 12.27 -6.14 -14.96
N SER C 376 13.58 -5.92 -15.03
CA SER C 376 14.14 -4.58 -14.92
C SER C 376 13.74 -3.72 -16.12
N ASP C 377 14.04 -2.43 -16.05
CA ASP C 377 13.74 -1.52 -17.16
C ASP C 377 14.61 -1.88 -18.37
N ALA C 378 15.91 -2.02 -18.13
CA ALA C 378 16.87 -2.45 -19.14
C ALA C 378 16.38 -3.70 -19.88
N ASP C 379 16.05 -4.74 -19.12
CA ASP C 379 15.49 -5.96 -19.69
C ASP C 379 14.19 -5.67 -20.44
N ARG C 380 13.40 -4.72 -19.93
CA ARG C 380 12.15 -4.32 -20.59
C ARG C 380 12.44 -3.79 -22.00
N ALA C 381 13.25 -2.73 -22.06
CA ALA C 381 13.62 -2.11 -23.33
C ALA C 381 14.12 -3.12 -24.35
N ALA C 382 15.04 -3.99 -23.93
CA ALA C 382 15.56 -5.06 -24.76
C ALA C 382 14.43 -5.92 -25.36
N MET C 383 13.41 -6.20 -24.54
CA MET C 383 12.27 -6.98 -25.00
C MET C 383 11.39 -6.15 -25.96
N LYS C 384 11.46 -4.83 -25.84
CA LYS C 384 10.82 -3.94 -26.80
C LYS C 384 11.58 -3.95 -28.12
N ILE C 385 12.91 -4.08 -28.03
CA ILE C 385 13.76 -4.20 -29.22
C ILE C 385 13.57 -5.56 -29.88
N VAL C 386 13.38 -6.61 -29.07
CA VAL C 386 13.11 -7.95 -29.61
C VAL C 386 11.80 -7.95 -30.43
N LEU C 387 10.79 -7.25 -29.94
CA LEU C 387 9.53 -7.09 -30.68
C LEU C 387 9.75 -6.32 -31.98
N GLU C 388 10.50 -5.23 -31.89
CA GLU C 388 10.79 -4.39 -33.06
C GLU C 388 11.59 -5.13 -34.12
N THR C 389 12.56 -5.92 -33.69
CA THR C 389 13.44 -6.66 -34.62
C THR C 389 12.68 -7.80 -35.29
N GLU C 390 12.96 -8.01 -36.58
CA GLU C 390 12.25 -9.00 -37.39
C GLU C 390 12.61 -10.42 -36.97
N PRO C 391 11.63 -11.35 -37.02
CA PRO C 391 11.81 -12.74 -36.61
C PRO C 391 13.12 -13.40 -37.07
N ARG C 392 13.48 -13.16 -38.33
CA ARG C 392 14.69 -13.75 -38.92
C ARG C 392 15.99 -13.14 -38.35
N ASN C 393 15.92 -11.88 -37.91
CA ASN C 393 17.11 -11.14 -37.48
C ASN C 393 17.36 -11.13 -35.97
N LEU C 394 16.69 -12.02 -35.23
CA LEU C 394 16.82 -12.07 -33.77
C LEU C 394 18.16 -12.67 -33.31
N PRO C 395 18.52 -13.87 -33.83
CA PRO C 395 19.78 -14.51 -33.39
C PRO C 395 21.01 -13.65 -33.64
N ALA C 396 21.00 -12.90 -34.74
CA ALA C 396 22.07 -11.94 -35.04
C ALA C 396 22.13 -10.83 -33.99
N LEU C 397 20.97 -10.46 -33.45
CA LEU C 397 20.88 -9.41 -32.44
C LEU C 397 21.51 -9.88 -31.12
N ASP C 398 22.80 -9.60 -30.96
CA ASP C 398 23.54 -9.99 -29.76
C ASP C 398 23.22 -9.04 -28.60
N ILE C 399 22.17 -9.35 -27.85
CA ILE C 399 21.76 -8.56 -26.69
C ILE C 399 22.32 -9.18 -25.42
N THR C 400 22.68 -8.33 -24.45
CA THR C 400 23.16 -8.78 -23.15
C THR C 400 22.05 -8.65 -22.13
N PHE C 401 21.29 -9.73 -21.94
CA PHE C 401 20.23 -9.77 -20.94
C PHE C 401 20.80 -9.98 -19.53
N VAL C 402 20.01 -9.63 -18.52
CA VAL C 402 20.37 -9.86 -17.13
C VAL C 402 19.56 -11.02 -16.56
N ASP C 403 18.24 -10.93 -16.72
CA ASP C 403 17.33 -11.97 -16.22
C ASP C 403 17.49 -13.24 -17.05
N LYS C 404 17.71 -14.36 -16.37
CA LYS C 404 17.98 -15.65 -17.04
C LYS C 404 16.78 -16.22 -17.79
N ARG C 405 15.57 -15.80 -17.41
CA ARG C 405 14.34 -16.29 -18.05
C ARG C 405 14.22 -15.83 -19.50
N ILE C 406 14.79 -14.67 -19.81
CA ILE C 406 14.57 -14.01 -21.10
C ILE C 406 15.11 -14.81 -22.28
N GLU C 407 16.26 -15.46 -22.11
CA GLU C 407 16.84 -16.30 -23.16
C GLU C 407 15.94 -17.50 -23.43
N LYS C 408 15.60 -18.23 -22.36
CA LYS C 408 14.72 -19.39 -22.45
C LYS C 408 13.38 -19.01 -23.07
N LEU C 409 12.84 -17.87 -22.66
CA LEU C 409 11.64 -17.31 -23.31
C LEU C 409 11.87 -17.04 -24.79
N LEU C 410 13.02 -16.44 -25.10
CA LEU C 410 13.36 -16.04 -26.47
C LEU C 410 13.50 -17.25 -27.40
N PHE C 411 14.12 -18.31 -26.91
CA PHE C 411 14.28 -19.51 -27.73
C PHE C 411 12.93 -20.17 -28.04
N ASN C 412 12.12 -20.35 -26.98
CA ASN C 412 10.80 -20.97 -27.13
C ASN C 412 9.87 -20.12 -27.98
N TYR C 413 9.93 -18.80 -27.76
CA TYR C 413 9.19 -17.81 -28.55
C TYR C 413 9.47 -17.99 -30.03
N ARG C 414 10.75 -18.11 -30.38
CA ARG C 414 11.17 -18.30 -31.76
C ARG C 414 10.80 -19.69 -32.29
N ALA C 415 11.11 -20.72 -31.52
CA ALA C 415 10.87 -22.10 -31.94
C ALA C 415 9.38 -22.43 -32.10
N ARG C 416 8.53 -21.84 -31.27
CA ARG C 416 7.09 -22.08 -31.34
C ARG C 416 6.45 -21.31 -32.50
N ASN C 417 6.66 -20.00 -32.50
CA ASN C 417 5.98 -19.10 -33.44
C ASN C 417 6.63 -19.00 -34.82
N PHE C 418 7.94 -19.21 -34.89
CA PHE C 418 8.69 -19.01 -36.14
C PHE C 418 9.73 -20.10 -36.40
N PRO C 419 9.30 -21.37 -36.47
CA PRO C 419 10.25 -22.48 -36.67
C PRO C 419 11.16 -22.26 -37.89
N GLY C 420 10.63 -21.60 -38.92
CA GLY C 420 11.39 -21.24 -40.10
C GLY C 420 12.69 -20.48 -39.82
N THR C 421 12.75 -19.79 -38.69
CA THR C 421 13.97 -19.08 -38.31
C THR C 421 15.04 -19.97 -37.63
N LEU C 422 14.71 -21.24 -37.40
CA LEU C 422 15.62 -22.14 -36.66
C LEU C 422 16.71 -22.74 -37.54
N ASP C 423 17.95 -22.72 -37.04
CA ASP C 423 19.05 -23.45 -37.69
C ASP C 423 19.11 -24.88 -37.18
N TYR C 424 19.85 -25.74 -37.87
CA TYR C 424 19.82 -27.19 -37.63
C TYR C 424 20.03 -27.58 -36.16
N ALA C 425 20.97 -26.91 -35.51
CA ALA C 425 21.24 -27.16 -34.09
C ALA C 425 20.03 -26.82 -33.23
N GLU C 426 19.38 -25.70 -33.53
CA GLU C 426 18.21 -25.25 -32.79
C GLU C 426 17.02 -26.18 -33.09
N GLN C 427 16.95 -26.66 -34.33
CA GLN C 427 15.93 -27.61 -34.73
C GLN C 427 16.14 -28.95 -34.01
N GLN C 428 17.41 -29.33 -33.82
CA GLN C 428 17.74 -30.52 -33.02
C GLN C 428 17.40 -30.31 -31.55
N ARG C 429 17.79 -29.16 -31.00
CA ARG C 429 17.48 -28.85 -29.60
C ARG C 429 15.98 -28.82 -29.35
N TRP C 430 15.23 -28.27 -30.30
CA TRP C 430 13.77 -28.26 -30.22
C TRP C 430 13.23 -29.68 -30.36
N LEU C 431 13.67 -30.39 -31.40
CA LEU C 431 13.26 -31.78 -31.63
C LEU C 431 13.50 -32.65 -30.38
N GLU C 432 14.58 -32.38 -29.67
CA GLU C 432 14.83 -33.04 -28.39
C GLU C 432 13.75 -32.62 -27.37
N HIS C 433 13.53 -31.32 -27.23
CA HIS C 433 12.56 -30.80 -26.27
C HIS C 433 11.18 -31.42 -26.49
N ARG C 434 10.79 -31.54 -27.75
CA ARG C 434 9.53 -32.17 -28.11
C ARG C 434 9.53 -33.66 -27.77
N ARG C 435 10.71 -34.29 -27.90
CA ARG C 435 10.86 -35.72 -27.61
C ARG C 435 10.78 -35.98 -26.11
N GLN C 436 11.27 -35.02 -25.33
CA GLN C 436 11.19 -35.08 -23.86
C GLN C 436 9.75 -34.90 -23.36
N VAL C 437 8.95 -34.14 -24.09
CA VAL C 437 7.54 -33.93 -23.76
C VAL C 437 6.72 -35.12 -24.23
N PHE C 438 6.81 -35.44 -25.52
CA PHE C 438 6.03 -36.53 -26.10
C PHE C 438 6.73 -37.88 -25.93
N THR C 439 6.73 -38.37 -24.70
CA THR C 439 7.33 -39.66 -24.38
C THR C 439 6.30 -40.78 -24.54
N PRO C 440 6.76 -42.00 -24.90
CA PRO C 440 5.89 -43.17 -25.06
C PRO C 440 4.86 -43.33 -23.94
N GLU C 441 5.28 -43.13 -22.70
CA GLU C 441 4.41 -43.26 -21.54
C GLU C 441 3.42 -42.10 -21.43
N PHE C 442 3.84 -40.89 -21.83
CA PHE C 442 2.96 -39.74 -21.85
C PHE C 442 1.89 -39.92 -22.92
N LEU C 443 2.33 -40.36 -24.10
CA LEU C 443 1.41 -40.63 -25.21
C LEU C 443 0.53 -41.85 -24.94
N GLN C 444 1.04 -42.78 -24.13
CA GLN C 444 0.25 -43.94 -23.69
C GLN C 444 -0.81 -43.51 -22.67
N GLY C 445 -0.40 -42.71 -21.69
CA GLY C 445 -1.32 -42.11 -20.73
C GLY C 445 -2.39 -41.29 -21.41
N TYR C 446 -1.97 -40.48 -22.38
CA TYR C 446 -2.88 -39.69 -23.21
C TYR C 446 -3.81 -40.60 -24.03
N ALA C 447 -3.24 -41.65 -24.63
CA ALA C 447 -3.99 -42.59 -25.44
C ALA C 447 -5.06 -43.33 -24.62
N ASP C 448 -4.70 -43.75 -23.42
CA ASP C 448 -5.63 -44.45 -22.54
C ASP C 448 -6.61 -43.48 -21.87
N GLU C 449 -6.17 -42.25 -21.63
CA GLU C 449 -7.08 -41.20 -21.19
C GLU C 449 -8.14 -40.94 -22.27
N LEU C 450 -7.71 -40.89 -23.52
CA LEU C 450 -8.62 -40.75 -24.67
C LEU C 450 -9.53 -41.98 -24.80
N GLN C 451 -8.93 -43.16 -24.66
CA GLN C 451 -9.70 -44.41 -24.72
C GLN C 451 -10.79 -44.40 -23.67
N MET C 452 -10.39 -44.30 -22.40
CA MET C 452 -11.34 -44.26 -21.29
C MET C 452 -12.55 -43.39 -21.65
N LEU C 453 -12.28 -42.12 -21.97
CA LEU C 453 -13.33 -41.15 -22.32
C LEU C 453 -14.26 -41.68 -23.41
N VAL C 454 -13.69 -42.30 -24.44
CA VAL C 454 -14.50 -42.77 -25.57
C VAL C 454 -15.49 -43.84 -25.10
N GLN C 455 -15.17 -44.51 -23.99
CA GLN C 455 -16.13 -45.37 -23.30
C GLN C 455 -17.14 -44.49 -22.56
N GLN C 456 -16.61 -43.57 -21.74
CA GLN C 456 -17.44 -42.73 -20.86
C GLN C 456 -18.52 -41.95 -21.61
N TYR C 457 -18.25 -41.63 -22.88
CA TYR C 457 -19.24 -40.94 -23.73
C TYR C 457 -19.58 -41.78 -24.97
N ALA C 458 -19.47 -43.10 -24.83
CA ALA C 458 -19.66 -44.05 -25.95
C ALA C 458 -20.86 -43.71 -26.83
N ASP C 459 -21.98 -43.37 -26.20
CA ASP C 459 -23.19 -42.97 -26.92
C ASP C 459 -23.26 -41.44 -27.07
N ASP C 460 -22.22 -40.87 -27.65
CA ASP C 460 -22.21 -39.44 -28.03
C ASP C 460 -21.29 -39.24 -29.23
N LYS C 461 -21.87 -39.29 -30.43
CA LYS C 461 -21.11 -39.19 -31.68
C LYS C 461 -20.35 -37.87 -31.81
N GLU C 462 -20.96 -36.78 -31.34
CA GLU C 462 -20.33 -35.47 -31.33
C GLU C 462 -19.06 -35.49 -30.49
N LYS C 463 -19.14 -36.11 -29.31
CA LYS C 463 -17.99 -36.25 -28.42
C LYS C 463 -16.95 -37.20 -29.00
N VAL C 464 -17.42 -38.32 -29.55
CA VAL C 464 -16.53 -39.32 -30.15
C VAL C 464 -15.74 -38.70 -31.30
N ALA C 465 -16.44 -38.07 -32.23
CA ALA C 465 -15.82 -37.39 -33.37
C ALA C 465 -14.66 -36.48 -32.94
N LEU C 466 -14.83 -35.79 -31.82
CA LEU C 466 -13.77 -34.96 -31.25
C LEU C 466 -12.63 -35.82 -30.73
N LEU C 467 -12.95 -36.88 -29.98
CA LEU C 467 -11.94 -37.75 -29.39
C LEU C 467 -11.10 -38.41 -30.48
N LYS C 468 -11.73 -38.69 -31.62
CA LYS C 468 -11.01 -39.20 -32.78
C LYS C 468 -10.07 -38.12 -33.34
N ALA C 469 -10.51 -36.88 -33.29
CA ALA C 469 -9.71 -35.75 -33.79
C ALA C 469 -8.52 -35.49 -32.87
N LEU C 470 -8.72 -35.74 -31.57
CA LEU C 470 -7.65 -35.61 -30.59
C LEU C 470 -6.58 -36.67 -30.78
N TRP C 471 -7.01 -37.89 -31.13
CA TRP C 471 -6.09 -38.98 -31.44
C TRP C 471 -5.39 -38.73 -32.77
N GLN C 472 -6.16 -38.37 -33.79
CA GLN C 472 -5.63 -38.01 -35.10
C GLN C 472 -4.61 -36.87 -34.99
N TYR C 473 -4.90 -35.88 -34.13
CA TYR C 473 -3.97 -34.80 -33.85
C TYR C 473 -2.76 -35.33 -33.07
N ALA C 474 -3.02 -36.19 -32.09
CA ALA C 474 -1.96 -36.80 -31.28
C ALA C 474 -0.99 -37.63 -32.12
N GLU C 475 -1.47 -38.15 -33.26
CA GLU C 475 -0.59 -38.85 -34.19
C GLU C 475 0.25 -37.87 -35.02
N GLU C 476 -0.40 -37.21 -35.99
CA GLU C 476 0.30 -36.44 -37.04
C GLU C 476 1.37 -35.47 -36.53
N ILE C 477 1.14 -34.83 -35.39
CA ILE C 477 2.10 -33.86 -34.85
C ILE C 477 3.37 -34.48 -34.28
N VAL C 478 3.35 -35.79 -34.01
CA VAL C 478 4.54 -36.47 -33.47
C VAL C 478 5.04 -37.55 -34.43
N GLN D 11 3.09 24.33 -13.65
CA GLN D 11 4.56 24.44 -13.37
C GLN D 11 4.86 24.05 -11.93
N SER D 12 5.66 23.00 -11.74
CA SER D 12 5.96 22.48 -10.42
C SER D 12 6.88 23.41 -9.62
N THR D 13 6.65 23.47 -8.31
CA THR D 13 7.40 24.36 -7.42
C THR D 13 7.82 23.68 -6.13
N PHE D 14 8.74 24.35 -5.40
CA PHE D 14 9.12 23.95 -4.06
C PHE D 14 8.70 25.07 -3.11
N LEU D 15 8.12 24.69 -1.97
CA LEU D 15 7.69 25.66 -0.96
C LEU D 15 8.41 25.41 0.37
N PHE D 16 9.54 26.10 0.55
CA PHE D 16 10.30 26.00 1.79
C PHE D 16 9.56 26.72 2.90
N HIS D 17 9.39 26.04 4.04
CA HIS D 17 8.65 26.61 5.17
C HIS D 17 9.30 26.27 6.52
N ASP D 18 8.90 27.01 7.55
CA ASP D 18 9.41 26.80 8.90
C ASP D 18 8.47 27.44 9.93
N TYR D 19 8.36 26.81 11.09
CA TYR D 19 7.55 27.31 12.20
C TYR D 19 8.43 27.79 13.36
N GLU D 20 7.87 28.68 14.18
CA GLU D 20 8.43 29.00 15.49
C GLU D 20 7.31 28.87 16.51
N THR D 21 7.46 27.93 17.44
CA THR D 21 6.37 27.54 18.34
C THR D 21 6.62 27.93 19.78
N PHE D 22 5.59 27.77 20.61
CA PHE D 22 5.68 28.01 22.05
C PHE D 22 5.97 26.72 22.83
N GLY D 23 6.30 25.64 22.12
CA GLY D 23 6.65 24.37 22.76
C GLY D 23 6.86 23.25 21.75
N THR D 24 7.38 22.12 22.21
CA THR D 24 7.81 21.04 21.32
C THR D 24 6.68 20.10 20.89
N HIS D 25 5.54 20.16 21.57
CA HIS D 25 4.44 19.23 21.33
C HIS D 25 3.43 19.85 20.37
N PRO D 26 3.31 19.31 19.14
CA PRO D 26 2.46 19.92 18.12
C PRO D 26 0.98 20.06 18.50
N ALA D 27 0.44 19.06 19.19
CA ALA D 27 -0.98 19.03 19.53
C ALA D 27 -1.31 19.93 20.72
N LEU D 28 -0.44 19.91 21.74
CA LEU D 28 -0.70 20.62 22.98
C LEU D 28 -0.17 22.05 22.97
N ASP D 29 1.00 22.25 22.36
CA ASP D 29 1.59 23.58 22.24
C ASP D 29 1.11 24.29 20.98
N ARG D 30 1.21 25.60 20.99
CA ARG D 30 0.68 26.45 19.92
C ARG D 30 1.82 27.01 19.06
N PRO D 31 1.51 27.45 17.83
CA PRO D 31 2.50 28.07 16.97
C PRO D 31 2.64 29.56 17.26
N ALA D 32 3.82 30.11 17.04
CA ALA D 32 4.06 31.54 17.24
C ALA D 32 4.24 32.26 15.90
N GLN D 33 5.14 31.75 15.07
CA GLN D 33 5.45 32.35 13.77
C GLN D 33 5.50 31.27 12.69
N PHE D 34 5.22 31.67 11.45
CA PHE D 34 5.34 30.78 10.29
C PHE D 34 5.99 31.53 9.13
N ALA D 35 7.04 30.93 8.57
CA ALA D 35 7.75 31.53 7.44
C ALA D 35 7.78 30.57 6.26
N ALA D 36 7.72 31.12 5.04
CA ALA D 36 7.74 30.29 3.83
C ALA D 36 8.10 31.08 2.56
N ILE D 37 8.83 30.42 1.65
CA ILE D 37 9.21 31.01 0.36
C ILE D 37 8.92 30.05 -0.79
N ARG D 38 8.29 30.57 -1.84
CA ARG D 38 8.03 29.82 -3.06
C ARG D 38 9.28 29.87 -3.95
N THR D 39 9.68 28.72 -4.47
CA THR D 39 10.84 28.62 -5.36
C THR D 39 10.59 27.61 -6.48
N ASP D 40 11.41 27.69 -7.54
CA ASP D 40 11.33 26.75 -8.67
C ASP D 40 12.32 25.59 -8.48
N SER D 41 12.36 24.69 -9.45
CA SER D 41 13.26 23.52 -9.39
C SER D 41 14.70 23.91 -9.07
N GLU D 42 15.20 24.96 -9.72
CA GLU D 42 16.57 25.42 -9.52
C GLU D 42 16.75 26.29 -8.27
N PHE D 43 15.70 26.38 -7.45
CA PHE D 43 15.72 27.11 -6.18
C PHE D 43 15.93 28.62 -6.34
N ASN D 44 15.23 29.21 -7.30
CA ASN D 44 15.19 30.66 -7.47
C ASN D 44 13.91 31.21 -6.86
N VAL D 45 14.02 32.33 -6.15
CA VAL D 45 12.88 32.88 -5.40
C VAL D 45 11.75 33.35 -6.31
N ILE D 46 10.60 32.69 -6.20
CA ILE D 46 9.37 33.11 -6.89
C ILE D 46 8.53 33.92 -5.91
N GLY D 47 7.82 34.92 -6.42
CA GLY D 47 6.91 35.73 -5.60
C GLY D 47 7.59 36.48 -4.47
N GLU D 48 6.82 36.74 -3.41
CA GLU D 48 7.31 37.45 -2.24
C GLU D 48 7.29 36.54 -1.02
N PRO D 49 8.22 36.73 -0.07
CA PRO D 49 8.29 35.87 1.11
C PRO D 49 7.12 36.10 2.07
N GLU D 50 6.51 35.01 2.54
CA GLU D 50 5.35 35.07 3.42
C GLU D 50 5.78 34.89 4.88
N VAL D 51 5.43 35.87 5.72
CA VAL D 51 5.68 35.79 7.16
C VAL D 51 4.50 36.36 7.93
N PHE D 52 4.03 35.62 8.93
CA PHE D 52 2.98 36.11 9.82
C PHE D 52 2.97 35.35 11.16
N TYR D 53 2.27 35.92 12.15
CA TYR D 53 2.29 35.40 13.52
C TYR D 53 0.92 34.87 13.95
N CYS D 54 0.94 33.90 14.85
CA CYS D 54 -0.29 33.33 15.42
C CYS D 54 -0.46 33.77 16.87
N LYS D 55 -1.51 34.56 17.11
CA LYS D 55 -1.87 34.99 18.46
C LYS D 55 -2.40 33.80 19.25
N PRO D 56 -1.75 33.47 20.38
CA PRO D 56 -2.20 32.33 21.18
C PRO D 56 -3.47 32.66 21.95
N ALA D 57 -4.34 31.65 22.13
CA ALA D 57 -5.60 31.83 22.82
C ALA D 57 -5.39 31.99 24.33
N ASP D 58 -6.46 32.33 25.04
CA ASP D 58 -6.41 32.58 26.48
C ASP D 58 -6.60 31.32 27.34
N ASP D 59 -6.28 30.16 26.78
CA ASP D 59 -6.30 28.89 27.53
C ASP D 59 -4.98 28.15 27.38
N TYR D 60 -3.89 28.90 27.16
CA TYR D 60 -2.57 28.32 26.93
C TYR D 60 -1.46 29.21 27.48
N LEU D 61 -0.48 28.58 28.12
CA LEU D 61 0.75 29.24 28.52
C LEU D 61 1.90 28.60 27.74
N PRO D 62 2.85 29.42 27.25
CA PRO D 62 3.97 28.90 26.48
C PRO D 62 5.01 28.24 27.36
N GLN D 63 5.76 27.29 26.81
CA GLN D 63 6.89 26.70 27.52
C GLN D 63 8.04 27.68 27.51
N PRO D 64 8.65 27.94 28.69
CA PRO D 64 9.71 28.95 28.76
C PRO D 64 10.98 28.55 27.99
N GLY D 65 11.39 27.29 28.11
CA GLY D 65 12.55 26.78 27.37
C GLY D 65 12.52 27.09 25.88
N ALA D 66 11.32 27.05 25.31
CA ALA D 66 11.13 27.43 23.90
C ALA D 66 11.13 28.95 23.74
N VAL D 67 10.52 29.65 24.68
CA VAL D 67 10.40 31.11 24.62
C VAL D 67 11.79 31.77 24.74
N LEU D 68 12.72 31.07 25.38
CA LEU D 68 14.12 31.49 25.37
C LEU D 68 14.71 31.28 23.98
N ILE D 69 14.75 30.01 23.56
CA ILE D 69 15.37 29.62 22.29
C ILE D 69 14.86 30.48 21.13
N THR D 70 13.56 30.77 21.14
CA THR D 70 12.97 31.62 20.12
C THR D 70 13.23 33.11 20.41
N GLY D 71 13.15 33.48 21.69
CA GLY D 71 13.16 34.88 22.07
C GLY D 71 11.91 35.61 21.64
N ILE D 72 10.80 34.88 21.53
CA ILE D 72 9.53 35.42 21.07
C ILE D 72 8.49 35.27 22.18
N THR D 73 7.87 36.39 22.56
CA THR D 73 6.89 36.39 23.63
C THR D 73 5.48 36.14 23.10
N PRO D 74 4.53 35.85 24.00
CA PRO D 74 3.10 35.83 23.63
C PRO D 74 2.56 37.23 23.30
N GLN D 75 3.15 38.26 23.90
CA GLN D 75 2.71 39.64 23.65
C GLN D 75 3.02 40.05 22.21
N GLU D 76 4.22 39.70 21.73
CA GLU D 76 4.59 39.90 20.34
C GLU D 76 3.56 39.28 19.39
N ALA D 77 3.31 37.99 19.59
CA ALA D 77 2.39 37.23 18.74
C ALA D 77 0.96 37.77 18.83
N ARG D 78 0.52 38.06 20.06
CA ARG D 78 -0.81 38.63 20.29
C ARG D 78 -0.95 40.01 19.66
N ALA D 79 0.16 40.76 19.61
CA ALA D 79 0.17 42.09 19.01
C ALA D 79 0.17 42.02 17.50
N LYS D 80 1.15 41.31 16.94
CA LYS D 80 1.39 41.29 15.49
C LYS D 80 0.95 40.00 14.79
N GLY D 81 0.00 39.27 15.38
CA GLY D 81 -0.45 37.99 14.81
C GLY D 81 -1.95 37.87 14.64
N GLU D 82 -2.37 36.99 13.73
CA GLU D 82 -3.77 36.70 13.49
C GLU D 82 -4.22 35.53 14.37
N ASN D 83 -5.49 35.15 14.29
CA ASN D 83 -5.96 33.98 15.04
C ASN D 83 -5.70 32.67 14.28
N GLU D 84 -5.64 31.57 15.03
CA GLU D 84 -5.19 30.28 14.50
C GLU D 84 -6.04 29.78 13.33
N ALA D 85 -7.31 30.20 13.27
CA ALA D 85 -8.17 29.87 12.12
C ALA D 85 -7.69 30.59 10.84
N ALA D 86 -7.26 31.85 10.98
CA ALA D 86 -6.76 32.60 9.84
C ALA D 86 -5.35 32.11 9.49
N PHE D 87 -4.55 31.94 10.54
CA PHE D 87 -3.24 31.32 10.42
C PHE D 87 -3.34 30.03 9.61
N ALA D 88 -4.31 29.18 9.98
CA ALA D 88 -4.59 27.93 9.26
C ALA D 88 -5.11 28.16 7.84
N ALA D 89 -5.78 29.30 7.62
CA ALA D 89 -6.30 29.62 6.30
C ALA D 89 -5.17 30.01 5.35
N ARG D 90 -4.30 30.92 5.79
CA ARG D 90 -3.18 31.36 4.96
C ARG D 90 -2.26 30.20 4.59
N ILE D 91 -1.90 29.39 5.57
CA ILE D 91 -1.00 28.25 5.36
C ILE D 91 -1.64 27.23 4.42
N HIS D 92 -2.91 26.92 4.65
CA HIS D 92 -3.64 26.00 3.79
C HIS D 92 -3.73 26.56 2.36
N SER D 93 -3.98 27.86 2.23
CA SER D 93 -3.99 28.52 0.92
C SER D 93 -2.62 28.41 0.24
N LEU D 94 -1.56 28.66 0.99
CA LEU D 94 -0.19 28.49 0.46
C LEU D 94 0.14 27.04 0.11
N PHE D 95 -0.45 26.08 0.83
CA PHE D 95 -0.11 24.67 0.70
C PHE D 95 -0.96 23.93 -0.35
N THR D 96 -2.17 24.41 -0.60
CA THR D 96 -3.10 23.75 -1.53
C THR D 96 -2.70 23.94 -3.01
N VAL D 97 -1.82 24.90 -3.28
CA VAL D 97 -1.34 25.17 -4.63
C VAL D 97 -0.83 23.88 -5.30
N PRO D 98 -1.29 23.59 -6.53
CA PRO D 98 -0.92 22.34 -7.20
C PRO D 98 0.56 22.24 -7.58
N LYS D 99 1.04 20.99 -7.68
CA LYS D 99 2.42 20.70 -8.10
C LYS D 99 3.48 21.31 -7.18
N THR D 100 3.20 21.32 -5.87
CA THR D 100 4.11 21.90 -4.90
C THR D 100 4.83 20.81 -4.11
N CYS D 101 6.11 21.03 -3.84
CA CYS D 101 6.87 20.17 -2.92
C CYS D 101 7.15 20.97 -1.66
N ILE D 102 6.49 20.59 -0.57
CA ILE D 102 6.61 21.31 0.70
C ILE D 102 7.78 20.73 1.48
N LEU D 103 8.60 21.59 2.07
CA LEU D 103 9.80 21.13 2.77
C LEU D 103 10.38 22.15 3.75
N GLY D 104 11.32 21.67 4.56
CA GLY D 104 12.05 22.50 5.50
C GLY D 104 13.24 21.74 6.03
N TYR D 105 13.55 21.93 7.31
CA TYR D 105 14.62 21.20 7.97
C TYR D 105 14.06 20.46 9.19
N ASN D 106 14.05 19.13 9.12
CA ASN D 106 13.40 18.29 10.14
C ASN D 106 11.91 18.60 10.23
N ASN D 107 11.25 18.65 9.08
CA ASN D 107 9.84 19.04 9.00
C ASN D 107 8.87 17.87 9.22
N VAL D 108 9.24 16.68 8.74
CA VAL D 108 8.41 15.49 8.88
C VAL D 108 8.20 15.14 10.34
N ARG D 109 9.29 15.13 11.11
CA ARG D 109 9.23 14.81 12.52
C ARG D 109 8.53 15.89 13.33
N PHE D 110 8.82 17.16 13.01
CA PHE D 110 8.30 18.29 13.77
C PHE D 110 7.29 19.13 12.96
N ASP D 111 7.78 20.01 12.08
CA ASP D 111 6.95 21.04 11.43
C ASP D 111 5.64 20.50 10.86
N ASP D 112 5.71 19.42 10.09
CA ASP D 112 4.51 18.82 9.48
C ASP D 112 3.45 18.53 10.54
N GLU D 113 3.90 17.94 11.64
CA GLU D 113 3.01 17.55 12.74
C GLU D 113 2.23 18.75 13.27
N VAL D 114 2.89 19.90 13.34
CA VAL D 114 2.22 21.15 13.71
C VAL D 114 1.15 21.52 12.68
N THR D 115 1.45 21.33 11.40
CA THR D 115 0.51 21.68 10.33
C THR D 115 -0.71 20.77 10.39
N ARG D 116 -0.45 19.47 10.53
CA ARG D 116 -1.52 18.48 10.65
C ARG D 116 -2.51 18.86 11.75
N ASN D 117 -1.97 19.27 12.90
CA ASN D 117 -2.79 19.65 14.04
C ASN D 117 -3.45 21.02 13.89
N ILE D 118 -2.72 21.99 13.34
CA ILE D 118 -3.30 23.30 13.01
C ILE D 118 -4.49 23.14 12.07
N PHE D 119 -4.33 22.28 11.06
CA PHE D 119 -5.39 21.98 10.12
C PHE D 119 -6.51 21.21 10.80
N TYR D 120 -6.13 20.24 11.63
CA TYR D 120 -7.08 19.44 12.41
C TYR D 120 -7.99 20.31 13.28
N ARG D 121 -7.39 21.16 14.10
CA ARG D 121 -8.12 22.03 15.02
C ARG D 121 -9.06 23.00 14.30
N ASN D 122 -8.60 23.54 13.16
CA ASN D 122 -9.32 24.59 12.45
C ASN D 122 -10.11 24.09 11.23
N PHE D 123 -10.57 22.84 11.29
CA PHE D 123 -11.52 22.29 10.32
C PHE D 123 -11.01 22.17 8.89
N TYR D 124 -9.69 22.09 8.73
CA TYR D 124 -9.09 21.78 7.43
C TYR D 124 -8.66 20.31 7.43
N ASP D 125 -8.54 19.72 6.23
CA ASP D 125 -8.02 18.36 6.09
C ASP D 125 -6.52 18.39 6.36
N PRO D 126 -6.02 17.49 7.22
CA PRO D 126 -4.63 17.54 7.64
C PRO D 126 -3.61 16.87 6.71
N TYR D 127 -4.09 16.17 5.67
CA TYR D 127 -3.19 15.36 4.82
C TYR D 127 -3.19 15.75 3.35
N ALA D 128 -4.35 16.12 2.81
CA ALA D 128 -4.48 16.46 1.39
C ALA D 128 -3.28 17.23 0.84
N TRP D 129 -2.93 18.32 1.52
CA TRP D 129 -1.83 19.19 1.09
C TRP D 129 -0.55 18.46 0.70
N SER D 130 -0.30 17.29 1.31
CA SER D 130 0.91 16.52 1.06
C SER D 130 0.80 15.50 -0.09
N TRP D 131 -0.36 15.38 -0.72
CA TRP D 131 -0.51 14.41 -1.83
C TRP D 131 -1.43 14.84 -2.97
N GLN D 132 -2.50 15.57 -2.66
CA GLN D 132 -3.45 16.02 -3.69
C GLN D 132 -2.82 16.97 -4.69
N HIS D 133 -3.47 17.12 -5.85
CA HIS D 133 -3.04 18.08 -6.89
C HIS D 133 -1.55 17.95 -7.24
N ASP D 134 -1.06 16.72 -7.32
CA ASP D 134 0.35 16.43 -7.62
C ASP D 134 1.33 17.04 -6.60
N ASN D 135 0.87 17.29 -5.38
CA ASN D 135 1.73 17.83 -4.34
C ASN D 135 2.59 16.75 -3.70
N SER D 136 3.60 17.17 -2.96
CA SER D 136 4.45 16.26 -2.20
C SER D 136 5.17 17.01 -1.09
N ARG D 137 5.92 16.27 -0.26
CA ARG D 137 6.75 16.87 0.78
C ARG D 137 8.13 16.25 0.78
N TRP D 138 9.08 16.94 1.41
CA TRP D 138 10.45 16.43 1.51
C TRP D 138 11.15 16.98 2.74
N ASP D 139 12.16 16.25 3.23
CA ASP D 139 12.92 16.66 4.40
C ASP D 139 14.42 16.71 4.08
N LEU D 140 15.04 17.86 4.33
CA LEU D 140 16.46 18.07 4.05
C LEU D 140 17.33 17.91 5.30
N LEU D 141 17.13 16.82 6.04
CA LEU D 141 17.99 16.48 7.18
C LEU D 141 18.74 15.21 6.81
N ASP D 142 17.99 14.14 6.62
CA ASP D 142 18.55 12.88 6.17
C ASP D 142 19.18 13.02 4.79
N VAL D 143 18.84 14.09 4.07
CA VAL D 143 19.53 14.46 2.84
C VAL D 143 20.95 14.95 3.15
N MET D 144 21.10 15.77 4.18
CA MET D 144 22.43 16.19 4.63
C MET D 144 23.17 14.96 5.14
N ARG D 145 22.56 14.29 6.11
CA ARG D 145 23.14 13.10 6.74
C ARG D 145 23.55 12.05 5.71
N ALA D 146 22.75 11.89 4.65
CA ALA D 146 23.06 10.95 3.58
C ALA D 146 24.22 11.42 2.73
N CYS D 147 24.37 12.74 2.57
CA CYS D 147 25.46 13.29 1.77
C CYS D 147 26.78 12.98 2.46
N TYR D 148 27.02 13.62 3.60
CA TYR D 148 28.23 13.39 4.41
C TYR D 148 28.66 11.93 4.41
N ALA D 149 27.72 11.03 4.66
CA ALA D 149 28.00 9.60 4.74
C ALA D 149 28.43 9.00 3.41
N LEU D 150 27.72 9.35 2.34
CA LEU D 150 27.87 8.65 1.07
C LEU D 150 28.75 9.39 0.08
N ARG D 151 28.38 10.64 -0.22
CA ARG D 151 29.11 11.49 -1.14
C ARG D 151 29.48 12.82 -0.48
N PRO D 152 30.51 12.81 0.40
CA PRO D 152 30.90 14.00 1.16
C PRO D 152 31.65 15.08 0.37
N GLU D 153 32.25 14.70 -0.76
CA GLU D 153 33.10 15.60 -1.53
C GLU D 153 32.39 16.91 -1.91
N GLY D 154 33.07 18.03 -1.71
CA GLY D 154 32.58 19.34 -2.12
C GLY D 154 32.07 20.23 -1.01
N ILE D 155 31.62 19.63 0.09
CA ILE D 155 30.96 20.37 1.18
C ILE D 155 31.72 20.20 2.49
N ASN D 156 31.79 21.28 3.29
CA ASN D 156 32.41 21.25 4.60
C ASN D 156 31.49 20.58 5.64
N TRP D 157 32.09 19.80 6.53
CA TRP D 157 31.33 19.06 7.54
C TRP D 157 31.83 19.43 8.94
N PRO D 158 30.99 20.14 9.73
CA PRO D 158 31.37 20.58 11.08
C PRO D 158 31.82 19.46 12.02
N GLU D 159 32.64 19.83 13.00
CA GLU D 159 33.04 18.93 14.08
C GLU D 159 32.82 19.64 15.41
N ASN D 160 32.78 18.87 16.50
CA ASN D 160 32.60 19.40 17.85
C ASN D 160 33.75 19.00 18.75
N ASP D 161 33.67 19.40 20.03
CA ASP D 161 34.64 18.97 21.04
C ASP D 161 34.70 17.44 21.13
N ASP D 162 33.55 16.79 20.91
CA ASP D 162 33.49 15.34 20.81
C ASP D 162 34.16 14.83 19.52
N GLY D 163 34.07 15.63 18.46
CA GLY D 163 34.66 15.28 17.17
C GLY D 163 33.73 14.40 16.34
N LEU D 164 32.48 14.84 16.20
CA LEU D 164 31.47 14.12 15.45
C LEU D 164 30.72 15.07 14.53
N PRO D 165 30.11 14.53 13.44
CA PRO D 165 29.42 15.40 12.47
C PRO D 165 28.10 15.96 12.99
N SER D 166 28.05 17.27 13.18
CA SER D 166 26.85 17.97 13.63
C SER D 166 26.04 18.43 12.43
N PHE D 167 24.79 18.00 12.36
CA PHE D 167 23.90 18.39 11.26
C PHE D 167 22.83 19.40 11.70
N ARG D 168 23.19 20.25 12.65
CA ARG D 168 22.36 21.39 13.02
C ARG D 168 22.55 22.47 11.95
N LEU D 169 21.47 23.15 11.58
CA LEU D 169 21.49 24.10 10.46
C LEU D 169 22.51 25.23 10.69
N GLU D 170 22.37 25.92 11.82
CA GLU D 170 23.28 27.01 12.20
C GLU D 170 24.74 26.57 12.20
N HIS D 171 25.00 25.33 12.62
CA HIS D 171 26.34 24.75 12.57
C HIS D 171 26.81 24.49 11.14
N LEU D 172 25.88 24.18 10.24
CA LEU D 172 26.22 23.91 8.84
C LEU D 172 26.45 25.19 8.05
N THR D 173 25.60 26.19 8.29
CA THR D 173 25.68 27.46 7.55
C THR D 173 26.96 28.25 7.86
N LYS D 174 27.34 28.29 9.13
CA LYS D 174 28.52 29.01 9.58
C LYS D 174 29.81 28.34 9.10
N ALA D 175 29.79 27.01 9.02
CA ALA D 175 30.95 26.24 8.56
C ALA D 175 31.27 26.53 7.09
N ASN D 176 30.23 26.61 6.26
CA ASN D 176 30.39 26.89 4.84
C ASN D 176 30.29 28.38 4.49
N GLY D 177 29.93 29.20 5.48
CA GLY D 177 29.88 30.65 5.30
C GLY D 177 28.63 31.11 4.59
N ILE D 178 27.51 31.09 5.31
CA ILE D 178 26.22 31.53 4.76
C ILE D 178 25.51 32.44 5.77
N GLU D 179 24.86 33.48 5.26
CA GLU D 179 24.15 34.44 6.11
C GLU D 179 22.86 33.83 6.67
N ASP D 185 15.34 33.73 14.10
CA ASP D 185 14.14 34.05 13.34
C ASP D 185 13.83 32.91 12.35
N ALA D 186 12.55 32.79 11.99
CA ALA D 186 12.10 31.74 11.08
C ALA D 186 12.67 31.92 9.67
N MET D 187 12.39 33.09 9.08
CA MET D 187 12.72 33.37 7.68
C MET D 187 14.21 33.17 7.36
N ALA D 188 15.08 33.41 8.34
CA ALA D 188 16.51 33.14 8.17
C ALA D 188 16.79 31.66 7.96
N ASP D 189 16.11 30.82 8.76
CA ASP D 189 16.28 29.37 8.63
C ASP D 189 15.74 28.87 7.30
N VAL D 190 14.73 29.56 6.77
CA VAL D 190 14.17 29.23 5.46
C VAL D 190 15.23 29.46 4.38
N TYR D 191 15.84 30.65 4.40
CA TYR D 191 16.95 30.96 3.49
C TYR D 191 18.07 29.95 3.67
N ALA D 192 18.51 29.78 4.92
CA ALA D 192 19.53 28.79 5.26
C ALA D 192 19.23 27.42 4.65
N THR D 193 17.97 27.01 4.72
CA THR D 193 17.53 25.73 4.14
C THR D 193 17.66 25.72 2.62
N ILE D 194 17.42 26.86 1.97
CA ILE D 194 17.54 26.96 0.52
C ILE D 194 19.01 26.90 0.13
N ALA D 195 19.82 27.67 0.85
CA ALA D 195 21.27 27.69 0.64
C ALA D 195 21.86 26.30 0.85
N MET D 196 21.46 25.64 1.93
CA MET D 196 21.95 24.28 2.20
C MET D 196 21.49 23.27 1.15
N ALA D 197 20.32 23.47 0.58
CA ALA D 197 19.84 22.64 -0.53
C ALA D 197 20.70 22.90 -1.76
N LYS D 198 20.72 24.16 -2.22
CA LYS D 198 21.58 24.58 -3.33
C LYS D 198 22.98 23.98 -3.20
N LEU D 199 23.58 24.18 -2.02
CA LEU D 199 24.93 23.70 -1.74
C LEU D 199 25.11 22.22 -2.04
N VAL D 200 24.06 21.42 -1.83
CA VAL D 200 24.13 19.99 -2.16
C VAL D 200 23.77 19.77 -3.64
N LYS D 201 22.87 20.62 -4.17
CA LYS D 201 22.49 20.54 -5.58
C LYS D 201 23.71 20.72 -6.48
N THR D 202 24.42 21.83 -6.29
CA THR D 202 25.55 22.19 -7.14
C THR D 202 26.70 21.17 -7.01
N ARG D 203 26.97 20.74 -5.79
CA ARG D 203 28.11 19.87 -5.52
C ARG D 203 27.83 18.39 -5.83
N GLN D 204 26.64 17.91 -5.46
CA GLN D 204 26.35 16.47 -5.51
C GLN D 204 25.01 16.10 -6.18
N PRO D 205 24.71 16.76 -7.33
CA PRO D 205 23.40 16.63 -7.99
C PRO D 205 22.96 15.20 -8.24
N ARG D 206 23.93 14.31 -8.50
CA ARG D 206 23.65 12.90 -8.72
C ARG D 206 22.90 12.28 -7.53
N LEU D 207 23.28 12.66 -6.31
CA LEU D 207 22.67 12.08 -5.12
C LEU D 207 21.33 12.75 -4.82
N PHE D 208 21.36 14.08 -4.80
CA PHE D 208 20.18 14.91 -4.59
C PHE D 208 18.96 14.41 -5.36
N ASP D 209 19.18 14.00 -6.61
CA ASP D 209 18.10 13.46 -7.45
C ASP D 209 17.68 12.08 -6.99
N TYR D 210 18.65 11.21 -6.72
CA TYR D 210 18.35 9.86 -6.28
C TYR D 210 17.48 9.94 -5.02
N LEU D 211 17.84 10.85 -4.12
CA LEU D 211 17.09 11.04 -2.89
C LEU D 211 15.72 11.65 -3.19
N PHE D 212 15.73 12.82 -3.85
CA PHE D 212 14.49 13.54 -4.20
C PHE D 212 13.45 12.64 -4.87
N THR D 213 13.87 11.88 -5.87
CA THR D 213 12.96 10.99 -6.60
C THR D 213 12.52 9.77 -5.80
N HIS D 214 13.16 9.53 -4.65
CA HIS D 214 12.76 8.43 -3.76
C HIS D 214 12.23 8.96 -2.43
N ARG D 215 11.61 10.14 -2.48
CA ARG D 215 10.91 10.69 -1.32
C ARG D 215 9.52 10.05 -1.17
N ASN D 216 8.94 9.66 -2.30
CA ASN D 216 7.62 9.05 -2.33
C ASN D 216 7.67 7.58 -1.94
N LYS D 217 6.85 7.20 -0.97
CA LYS D 217 6.78 5.81 -0.47
C LYS D 217 6.69 4.79 -1.60
N HIS D 218 5.87 5.12 -2.61
CA HIS D 218 5.65 4.25 -3.76
C HIS D 218 6.95 3.97 -4.52
N LYS D 219 7.87 4.93 -4.53
CA LYS D 219 9.19 4.74 -5.13
C LYS D 219 10.06 3.87 -4.24
N LEU D 220 10.22 4.28 -2.98
CA LEU D 220 10.98 3.52 -1.99
C LEU D 220 10.60 2.05 -1.95
N MET D 221 9.29 1.80 -2.03
CA MET D 221 8.75 0.44 -2.04
C MET D 221 9.39 -0.46 -3.11
N ALA D 222 9.83 0.15 -4.22
CA ALA D 222 10.52 -0.59 -5.28
C ALA D 222 11.85 -1.18 -4.80
N LEU D 223 12.51 -0.50 -3.86
CA LEU D 223 13.79 -0.96 -3.33
C LEU D 223 13.64 -2.19 -2.41
N ILE D 224 12.46 -2.35 -1.83
CA ILE D 224 12.23 -3.38 -0.80
C ILE D 224 11.74 -4.69 -1.42
N ASP D 225 12.61 -5.70 -1.42
CA ASP D 225 12.23 -7.06 -1.78
C ASP D 225 12.24 -7.90 -0.50
N VAL D 226 11.09 -7.94 0.18
CA VAL D 226 10.97 -8.59 1.48
C VAL D 226 11.35 -10.07 1.46
N PRO D 227 10.66 -10.90 0.64
CA PRO D 227 10.97 -12.34 0.66
C PRO D 227 12.43 -12.69 0.42
N GLN D 228 13.10 -11.94 -0.46
CA GLN D 228 14.52 -12.14 -0.75
C GLN D 228 15.42 -11.44 0.27
N MET D 229 14.86 -10.55 1.08
CA MET D 229 15.61 -9.77 2.07
C MET D 229 16.77 -9.01 1.44
N LYS D 230 16.49 -8.24 0.40
CA LYS D 230 17.52 -7.50 -0.32
C LYS D 230 18.16 -6.46 0.61
N PRO D 231 19.49 -6.57 0.84
CA PRO D 231 20.17 -5.59 1.69
C PRO D 231 20.06 -4.17 1.16
N LEU D 232 19.91 -3.21 2.06
CA LEU D 232 19.77 -1.80 1.69
C LEU D 232 20.60 -0.90 2.60
N VAL D 233 21.03 0.23 2.05
CA VAL D 233 21.73 1.26 2.80
C VAL D 233 20.69 2.19 3.40
N HIS D 234 20.67 2.30 4.73
CA HIS D 234 19.74 3.20 5.40
C HIS D 234 20.50 4.28 6.16
N VAL D 235 20.08 5.53 5.96
CA VAL D 235 20.64 6.66 6.69
C VAL D 235 19.57 7.20 7.64
N SER D 236 19.92 7.32 8.91
CA SER D 236 19.00 7.81 9.94
C SER D 236 19.75 8.23 11.20
N GLY D 237 19.28 9.29 11.83
CA GLY D 237 19.91 9.82 13.05
C GLY D 237 19.89 8.86 14.23
N MET D 238 18.94 7.93 14.24
CA MET D 238 18.79 7.00 15.35
C MET D 238 19.85 5.88 15.35
N PHE D 239 20.65 5.79 14.29
CA PHE D 239 21.81 4.88 14.28
C PHE D 239 22.89 5.41 15.22
N GLY D 240 23.43 6.57 14.88
CA GLY D 240 24.47 7.23 15.69
C GLY D 240 25.50 7.97 14.85
N ALA D 241 25.87 9.16 15.31
CA ALA D 241 26.87 9.99 14.62
C ALA D 241 28.20 9.26 14.48
N TRP D 242 28.55 8.48 15.50
CA TRP D 242 29.74 7.63 15.46
C TRP D 242 29.68 6.57 14.34
N ARG D 243 28.47 6.21 13.91
CA ARG D 243 28.27 5.34 12.75
C ARG D 243 28.10 6.15 11.46
N GLY D 244 28.24 7.48 11.55
CA GLY D 244 27.92 8.37 10.44
C GLY D 244 26.44 8.35 10.11
N ASN D 245 25.61 8.06 11.11
CA ASN D 245 24.17 7.94 10.94
C ASN D 245 23.76 6.99 9.81
N THR D 246 24.58 5.97 9.55
CA THR D 246 24.40 5.09 8.39
C THR D 246 24.76 3.65 8.73
N SER D 247 24.03 2.71 8.13
CA SER D 247 24.31 1.28 8.28
C SER D 247 23.59 0.45 7.22
N TRP D 248 23.94 -0.83 7.15
CA TRP D 248 23.32 -1.77 6.21
C TRP D 248 22.16 -2.51 6.90
N VAL D 249 21.00 -2.46 6.28
CA VAL D 249 19.78 -3.04 6.85
C VAL D 249 19.13 -4.04 5.90
N ALA D 250 18.41 -5.01 6.48
CA ALA D 250 17.71 -6.02 5.70
C ALA D 250 16.24 -6.12 6.13
N PRO D 251 15.30 -6.04 5.17
CA PRO D 251 13.87 -6.08 5.48
C PRO D 251 13.35 -7.49 5.74
N LEU D 252 12.98 -7.77 6.99
CA LEU D 252 12.40 -9.06 7.34
C LEU D 252 10.95 -9.16 6.86
N ALA D 253 10.13 -8.18 7.23
CA ALA D 253 8.71 -8.21 6.90
C ALA D 253 8.00 -6.86 7.08
N TRP D 254 6.76 -6.80 6.58
CA TRP D 254 5.90 -5.64 6.74
C TRP D 254 5.31 -5.64 8.15
N HIS D 255 5.17 -4.44 8.72
CA HIS D 255 4.58 -4.27 10.05
C HIS D 255 3.12 -4.76 10.00
N PRO D 256 2.72 -5.60 10.97
CA PRO D 256 1.39 -6.23 10.91
C PRO D 256 0.21 -5.26 10.97
N GLU D 257 0.25 -4.29 11.87
CA GLU D 257 -0.86 -3.33 12.05
C GLU D 257 -0.67 -2.02 11.27
N ASN D 258 0.57 -1.63 11.03
CA ASN D 258 0.90 -0.36 10.37
C ASN D 258 1.40 -0.59 8.94
N ARG D 259 0.67 -0.05 7.96
CA ARG D 259 0.99 -0.31 6.56
C ARG D 259 2.24 0.43 6.07
N ASN D 260 2.46 1.63 6.58
CA ASN D 260 3.61 2.44 6.17
C ASN D 260 4.93 2.03 6.81
N ALA D 261 4.88 1.16 7.82
CA ALA D 261 6.08 0.71 8.50
C ALA D 261 6.56 -0.61 7.92
N VAL D 262 7.88 -0.76 7.80
CA VAL D 262 8.50 -2.04 7.45
C VAL D 262 9.58 -2.37 8.49
N ILE D 263 9.67 -3.64 8.87
CA ILE D 263 10.58 -4.06 9.93
C ILE D 263 11.97 -4.36 9.38
N MET D 264 12.92 -3.47 9.66
CA MET D 264 14.31 -3.61 9.18
C MET D 264 15.21 -4.16 10.27
N VAL D 265 16.01 -5.16 9.91
CA VAL D 265 17.05 -5.71 10.78
C VAL D 265 18.36 -5.03 10.43
N ASP D 266 19.05 -4.53 11.46
CA ASP D 266 20.36 -3.91 11.28
C ASP D 266 21.41 -5.00 11.13
N LEU D 267 22.07 -5.04 9.97
CA LEU D 267 23.03 -6.10 9.68
C LEU D 267 24.35 -5.91 10.44
N ALA D 268 24.77 -4.65 10.60
CA ALA D 268 25.98 -4.34 11.38
C ALA D 268 25.66 -4.31 12.87
N GLY D 269 25.57 -5.49 13.47
CA GLY D 269 25.25 -5.61 14.89
C GLY D 269 25.17 -7.05 15.37
N ASP D 270 24.94 -7.21 16.68
CA ASP D 270 24.86 -8.53 17.30
C ASP D 270 23.48 -9.14 17.11
N ILE D 271 23.37 -10.09 16.19
CA ILE D 271 22.09 -10.73 15.85
C ILE D 271 21.74 -11.92 16.74
N SER D 272 22.71 -12.41 17.52
CA SER D 272 22.53 -13.59 18.38
C SER D 272 21.30 -13.57 19.29
N PRO D 273 20.91 -12.39 19.83
CA PRO D 273 19.65 -12.34 20.58
C PRO D 273 18.40 -12.75 19.79
N LEU D 274 18.40 -12.51 18.48
CA LEU D 274 17.22 -12.82 17.65
C LEU D 274 16.96 -14.32 17.54
N LEU D 275 18.03 -15.11 17.54
CA LEU D 275 17.93 -16.57 17.40
C LEU D 275 17.61 -17.25 18.73
N GLU D 276 18.23 -16.75 19.81
CA GLU D 276 18.11 -17.37 21.13
C GLU D 276 16.76 -17.07 21.78
N LEU D 277 16.48 -15.79 21.98
CA LEU D 277 15.29 -15.35 22.72
C LEU D 277 14.04 -15.42 21.83
N ASP D 278 12.91 -15.75 22.45
CA ASP D 278 11.62 -15.81 21.74
C ASP D 278 11.01 -14.41 21.58
N SER D 279 9.87 -14.34 20.92
CA SER D 279 9.20 -13.06 20.63
C SER D 279 8.87 -12.25 21.89
N ASP D 280 8.23 -12.92 22.85
CA ASP D 280 7.81 -12.29 24.11
C ASP D 280 8.99 -11.67 24.87
N THR D 281 10.13 -12.36 24.86
CA THR D 281 11.34 -11.86 25.51
C THR D 281 11.99 -10.77 24.66
N LEU D 282 12.04 -10.98 23.34
CA LEU D 282 12.61 -9.99 22.41
C LEU D 282 11.87 -8.66 22.46
N ARG D 283 10.55 -8.72 22.65
CA ARG D 283 9.73 -7.50 22.76
C ARG D 283 10.17 -6.69 23.98
N GLU D 284 10.04 -7.28 25.16
CA GLU D 284 10.46 -6.63 26.40
C GLU D 284 11.93 -6.18 26.31
N ARG D 285 12.76 -7.00 25.68
CA ARG D 285 14.16 -6.69 25.43
C ARG D 285 14.33 -5.52 24.45
N LEU D 286 13.41 -5.39 23.49
CA LEU D 286 13.47 -4.32 22.50
C LEU D 286 13.17 -2.98 23.15
N TYR D 287 12.23 -2.98 24.09
CA TYR D 287 11.87 -1.79 24.84
C TYR D 287 12.58 -1.79 26.20
N THR D 288 13.91 -1.77 26.16
CA THR D 288 14.75 -1.71 27.35
C THR D 288 15.78 -0.61 27.20
N ALA D 289 15.94 0.21 28.23
CA ALA D 289 16.87 1.33 28.19
C ALA D 289 18.31 0.86 28.09
N LYS D 290 19.15 1.67 27.44
CA LYS D 290 20.57 1.36 27.28
C LYS D 290 21.32 1.42 28.61
N THR D 291 20.80 2.22 29.55
CA THR D 291 21.40 2.36 30.87
C THR D 291 21.31 1.07 31.67
N ASP D 292 20.08 0.61 31.93
CA ASP D 292 19.87 -0.59 32.75
C ASP D 292 20.17 -1.90 32.01
N LEU D 293 20.29 -1.85 30.70
CA LEU D 293 20.72 -3.01 29.90
C LEU D 293 22.21 -3.28 30.15
N GLY D 294 22.49 -4.37 30.85
CA GLY D 294 23.86 -4.69 31.27
C GLY D 294 24.72 -5.30 30.18
N ASP D 295 25.07 -6.58 30.35
CA ASP D 295 25.96 -7.28 29.41
C ASP D 295 25.23 -7.74 28.16
N ASN D 296 23.91 -7.93 28.25
CA ASN D 296 23.09 -8.35 27.11
C ASN D 296 23.06 -7.30 25.99
N ALA D 297 23.20 -7.77 24.75
CA ALA D 297 23.18 -6.90 23.58
C ALA D 297 21.76 -6.58 23.17
N ALA D 298 21.54 -5.36 22.69
CA ALA D 298 20.20 -4.92 22.28
C ALA D 298 19.75 -5.60 21.00
N VAL D 299 18.45 -5.52 20.73
CA VAL D 299 17.86 -6.12 19.55
C VAL D 299 18.12 -5.21 18.34
N PRO D 300 18.91 -5.70 17.36
CA PRO D 300 19.28 -4.87 16.21
C PRO D 300 18.16 -4.79 15.18
N VAL D 301 17.04 -4.19 15.59
CA VAL D 301 15.84 -4.09 14.75
C VAL D 301 15.27 -2.70 14.85
N LYS D 302 14.86 -2.14 13.72
CA LYS D 302 14.14 -0.87 13.74
C LYS D 302 13.10 -0.83 12.62
N LEU D 303 12.03 -0.08 12.86
CA LEU D 303 11.01 0.13 11.85
C LEU D 303 11.46 1.24 10.91
N VAL D 304 11.08 1.12 9.64
CA VAL D 304 11.25 2.21 8.68
C VAL D 304 9.86 2.63 8.20
N HIS D 305 9.59 3.93 8.29
CA HIS D 305 8.28 4.50 7.95
C HIS D 305 8.32 5.13 6.57
N ILE D 306 7.91 4.36 5.55
CA ILE D 306 8.03 4.77 4.15
C ILE D 306 7.40 6.13 3.82
N ASN D 307 6.30 6.45 4.51
CA ASN D 307 5.62 7.73 4.30
C ASN D 307 6.32 8.92 4.94
N LYS D 308 7.33 8.66 5.79
CA LYS D 308 8.10 9.73 6.43
C LYS D 308 9.40 10.05 5.66
N CYS D 309 9.41 9.77 4.36
CA CYS D 309 10.60 9.85 3.52
C CYS D 309 11.91 9.58 4.27
N PRO D 310 12.16 8.30 4.60
CA PRO D 310 13.43 7.85 5.13
C PRO D 310 14.39 7.55 3.99
N VAL D 311 15.67 7.82 4.19
CA VAL D 311 16.67 7.59 3.16
C VAL D 311 17.01 6.11 3.06
N LEU D 312 16.66 5.50 1.94
CA LEU D 312 17.07 4.13 1.61
C LEU D 312 17.74 4.10 0.23
N ALA D 313 18.57 3.09 0.01
CA ALA D 313 19.25 2.91 -1.27
C ALA D 313 19.78 1.48 -1.40
N GLN D 314 20.17 1.11 -2.62
CA GLN D 314 20.75 -0.21 -2.88
C GLN D 314 22.16 -0.32 -2.29
N ALA D 315 22.56 -1.54 -1.95
CA ALA D 315 23.81 -1.81 -1.24
C ALA D 315 25.03 -1.07 -1.78
N ASN D 316 25.18 -1.03 -3.10
CA ASN D 316 26.39 -0.49 -3.74
C ASN D 316 26.60 1.03 -3.63
N THR D 317 25.55 1.77 -3.26
CA THR D 317 25.68 3.22 -3.05
C THR D 317 26.67 3.53 -1.94
N LEU D 318 26.61 2.76 -0.86
CA LEU D 318 27.60 2.83 0.21
C LEU D 318 28.75 1.90 -0.16
N ARG D 319 29.86 2.49 -0.60
CA ARG D 319 30.99 1.74 -1.13
C ARG D 319 31.94 1.29 -0.02
N PRO D 320 32.82 0.31 -0.32
CA PRO D 320 33.84 -0.13 0.65
C PRO D 320 34.72 1.01 1.17
N GLU D 321 35.11 1.92 0.27
CA GLU D 321 35.93 3.08 0.63
C GLU D 321 35.21 3.97 1.65
N ASP D 322 33.91 4.17 1.45
CA ASP D 322 33.10 4.97 2.36
C ASP D 322 32.89 4.22 3.67
N ALA D 323 32.46 2.97 3.58
CA ALA D 323 32.23 2.13 4.76
C ALA D 323 33.39 2.22 5.73
N ASP D 324 34.59 1.92 5.24
CA ASP D 324 35.82 1.98 6.04
C ASP D 324 36.01 3.33 6.70
N ARG D 325 35.59 4.40 6.03
CA ARG D 325 35.67 5.76 6.61
C ARG D 325 34.66 5.94 7.73
N LEU D 326 33.52 5.26 7.65
CA LEU D 326 32.48 5.37 8.67
C LEU D 326 32.69 4.37 9.80
N GLY D 327 33.55 3.38 9.56
CA GLY D 327 33.81 2.32 10.52
C GLY D 327 32.71 1.28 10.51
N ILE D 328 32.40 0.76 9.32
CA ILE D 328 31.37 -0.26 9.15
C ILE D 328 31.99 -1.52 8.55
N ASN D 329 31.92 -2.62 9.29
CA ASN D 329 32.43 -3.90 8.81
C ASN D 329 31.49 -4.51 7.78
N ARG D 330 31.87 -4.40 6.51
CA ARG D 330 31.05 -4.88 5.40
C ARG D 330 30.80 -6.39 5.47
N GLN D 331 31.82 -7.15 5.87
CA GLN D 331 31.70 -8.60 5.98
C GLN D 331 30.72 -9.00 7.08
N HIS D 332 30.89 -8.42 8.27
CA HIS D 332 30.02 -8.69 9.42
C HIS D 332 28.55 -8.63 9.06
N CYS D 333 28.19 -7.69 8.18
CA CYS D 333 26.83 -7.61 7.65
C CYS D 333 26.52 -8.83 6.77
N LEU D 334 27.36 -9.03 5.75
CA LEU D 334 27.15 -10.09 4.77
C LEU D 334 27.01 -11.46 5.44
N ASP D 335 27.69 -11.61 6.57
CA ASP D 335 27.60 -12.84 7.36
C ASP D 335 26.22 -13.01 7.98
N ASN D 336 25.70 -11.94 8.58
CA ASN D 336 24.42 -11.98 9.28
C ASN D 336 23.24 -12.21 8.33
N LEU D 337 23.39 -11.72 7.10
CA LEU D 337 22.38 -11.92 6.06
C LEU D 337 22.26 -13.39 5.67
N LYS D 338 23.39 -14.09 5.61
CA LYS D 338 23.41 -15.51 5.26
C LYS D 338 22.79 -16.36 6.38
N ILE D 339 22.91 -15.87 7.62
CA ILE D 339 22.31 -16.54 8.77
C ILE D 339 20.81 -16.26 8.81
N LEU D 340 20.44 -14.98 8.76
CA LEU D 340 19.04 -14.56 8.72
C LEU D 340 18.30 -15.23 7.56
N ARG D 341 18.96 -15.32 6.41
CA ARG D 341 18.43 -16.05 5.26
C ARG D 341 18.33 -17.55 5.54
N GLU D 342 19.25 -18.08 6.34
CA GLU D 342 19.27 -19.49 6.68
C GLU D 342 18.24 -19.84 7.77
N ASN D 343 17.77 -18.82 8.48
CA ASN D 343 16.79 -19.02 9.55
C ASN D 343 15.52 -18.18 9.33
N PRO D 344 14.52 -18.75 8.65
CA PRO D 344 13.20 -18.12 8.53
C PRO D 344 12.53 -17.86 9.87
N GLN D 345 12.67 -18.81 10.79
CA GLN D 345 12.07 -18.73 12.14
C GLN D 345 12.29 -17.40 12.86
N VAL D 346 13.37 -16.70 12.51
CA VAL D 346 13.63 -15.36 13.04
C VAL D 346 12.48 -14.42 12.68
N ARG D 347 12.14 -14.36 11.39
CA ARG D 347 11.06 -13.47 10.93
C ARG D 347 9.80 -13.68 11.75
N GLU D 348 9.36 -14.94 11.84
CA GLU D 348 8.19 -15.33 12.64
C GLU D 348 8.25 -14.77 14.05
N LYS D 349 9.47 -14.71 14.60
CA LYS D 349 9.68 -14.10 15.90
C LYS D 349 9.59 -12.58 15.82
N VAL D 350 10.26 -12.00 14.83
CA VAL D 350 10.43 -10.55 14.75
C VAL D 350 9.13 -9.81 14.40
N VAL D 351 8.26 -10.46 13.64
CA VAL D 351 6.97 -9.85 13.30
C VAL D 351 6.02 -9.88 14.50
N ALA D 352 5.94 -11.05 15.15
CA ALA D 352 5.08 -11.24 16.33
C ALA D 352 5.35 -10.22 17.44
N ILE D 353 6.55 -9.67 17.47
CA ILE D 353 6.89 -8.57 18.40
C ILE D 353 5.99 -7.36 18.15
N PHE D 354 5.81 -7.00 16.88
CA PHE D 354 5.12 -5.75 16.54
C PHE D 354 3.61 -5.91 16.31
N ALA D 355 3.05 -7.06 16.70
CA ALA D 355 1.61 -7.28 16.63
C ALA D 355 0.89 -6.96 17.96
N GLU D 356 1.60 -6.31 18.89
CA GLU D 356 1.03 -5.95 20.18
C GLU D 356 0.17 -4.69 20.06
N ALA D 357 -0.99 -4.70 20.71
CA ALA D 357 -1.92 -3.57 20.68
C ALA D 357 -1.51 -2.51 21.69
N PRO D 362 -5.08 6.19 25.51
CA PRO D 362 -5.54 7.38 24.81
C PRO D 362 -5.44 8.65 25.65
N SER D 363 -5.96 9.76 25.13
CA SER D 363 -5.93 11.04 25.83
C SER D 363 -7.33 11.64 25.91
N ASP D 364 -7.63 12.29 27.04
CA ASP D 364 -8.94 12.91 27.27
C ASP D 364 -9.13 14.19 26.46
N ASN D 365 -8.02 14.89 26.17
CA ASN D 365 -8.07 16.15 25.42
C ASN D 365 -8.35 15.90 23.93
N VAL D 366 -9.21 16.74 23.35
CA VAL D 366 -9.61 16.58 21.94
C VAL D 366 -8.48 16.95 20.97
N ASP D 367 -7.57 17.83 21.42
CA ASP D 367 -6.41 18.22 20.61
C ASP D 367 -5.46 17.05 20.37
N ALA D 368 -5.40 16.11 21.32
CA ALA D 368 -4.53 14.94 21.20
C ALA D 368 -5.10 13.84 20.30
N GLN D 369 -6.39 13.94 19.96
CA GLN D 369 -7.08 12.88 19.22
C GLN D 369 -7.09 13.11 17.70
N LEU D 370 -5.92 13.40 17.14
CA LEU D 370 -5.79 13.52 15.69
C LEU D 370 -5.83 12.13 15.05
N TYR D 371 -5.00 11.23 15.56
CA TYR D 371 -4.76 9.93 14.92
C TYR D 371 -5.72 8.84 15.35
N ASN D 372 -6.78 9.18 16.07
CA ASN D 372 -7.80 8.19 16.46
C ASN D 372 -8.34 7.48 15.22
N GLY D 373 -8.59 8.25 14.18
CA GLY D 373 -8.99 7.71 12.89
C GLY D 373 -9.23 8.82 11.90
N PHE D 374 -9.53 8.47 10.65
CA PHE D 374 -9.90 9.45 9.65
C PHE D 374 -11.33 9.92 9.85
N PHE D 375 -11.71 10.99 9.17
CA PHE D 375 -13.08 11.48 9.16
C PHE D 375 -13.80 10.96 7.92
N SER D 376 -15.10 10.70 8.05
CA SER D 376 -15.91 10.21 6.94
C SER D 376 -16.22 11.32 5.94
N ASP D 377 -16.62 10.92 4.73
CA ASP D 377 -16.95 11.87 3.67
C ASP D 377 -18.03 12.86 4.12
N ALA D 378 -18.99 12.38 4.91
CA ALA D 378 -20.05 13.22 5.46
C ALA D 378 -19.47 14.28 6.41
N ASP D 379 -18.84 13.82 7.48
CA ASP D 379 -18.18 14.73 8.44
C ASP D 379 -17.31 15.73 7.69
N ARG D 380 -16.56 15.23 6.71
CA ARG D 380 -15.70 16.06 5.89
C ARG D 380 -16.48 17.23 5.26
N ALA D 381 -17.65 16.91 4.71
CA ALA D 381 -18.50 17.93 4.09
C ALA D 381 -19.08 18.87 5.13
N ALA D 382 -19.63 18.28 6.19
CA ALA D 382 -20.18 19.03 7.32
C ALA D 382 -19.18 20.06 7.85
N MET D 383 -17.91 19.67 7.94
CA MET D 383 -16.85 20.59 8.34
C MET D 383 -16.60 21.66 7.27
N LYS D 384 -16.66 21.26 6.01
CA LYS D 384 -16.54 22.21 4.89
C LYS D 384 -17.63 23.28 5.02
N ILE D 385 -18.80 22.85 5.46
CA ILE D 385 -19.92 23.77 5.71
C ILE D 385 -19.62 24.65 6.93
N VAL D 386 -18.84 24.12 7.88
CA VAL D 386 -18.43 24.91 9.05
C VAL D 386 -17.42 25.97 8.62
N LEU D 387 -16.57 25.63 7.65
CA LEU D 387 -15.66 26.60 7.04
C LEU D 387 -16.44 27.63 6.21
N GLU D 388 -17.46 27.16 5.50
CA GLU D 388 -18.28 28.03 4.66
C GLU D 388 -19.14 29.00 5.49
N THR D 389 -19.66 28.53 6.62
CA THR D 389 -20.53 29.35 7.48
C THR D 389 -19.73 30.43 8.22
N GLU D 390 -20.38 31.58 8.45
CA GLU D 390 -19.74 32.70 9.16
C GLU D 390 -19.72 32.45 10.68
N PRO D 391 -18.66 32.92 11.37
CA PRO D 391 -18.47 32.71 12.80
C PRO D 391 -19.72 32.94 13.66
N ARG D 392 -20.49 33.97 13.34
CA ARG D 392 -21.69 34.31 14.10
C ARG D 392 -22.82 33.30 13.91
N ASN D 393 -22.88 32.67 12.73
CA ASN D 393 -23.99 31.77 12.38
C ASN D 393 -23.73 30.29 12.68
N LEU D 394 -22.63 30.00 13.38
CA LEU D 394 -22.25 28.61 13.69
C LEU D 394 -23.20 27.93 14.69
N PRO D 395 -23.46 28.55 15.86
CA PRO D 395 -24.32 27.87 16.84
C PRO D 395 -25.76 27.66 16.36
N ALA D 396 -26.22 28.49 15.43
CA ALA D 396 -27.52 28.28 14.77
C ALA D 396 -27.47 27.09 13.82
N LEU D 397 -26.28 26.77 13.32
CA LEU D 397 -26.10 25.64 12.40
C LEU D 397 -26.08 24.32 13.20
N ASP D 398 -27.27 23.75 13.40
CA ASP D 398 -27.39 22.48 14.14
C ASP D 398 -27.04 21.30 13.23
N ILE D 399 -25.74 21.00 13.16
CA ILE D 399 -25.24 19.90 12.34
C ILE D 399 -25.29 18.59 13.12
N THR D 400 -25.70 17.52 12.45
CA THR D 400 -25.72 16.18 13.04
C THR D 400 -24.38 15.48 12.75
N PHE D 401 -23.39 15.75 13.60
CA PHE D 401 -22.06 15.15 13.44
C PHE D 401 -22.04 13.70 13.91
N VAL D 402 -21.23 12.89 13.24
CA VAL D 402 -21.05 11.49 13.61
C VAL D 402 -19.86 11.35 14.55
N ASP D 403 -18.72 11.89 14.15
CA ASP D 403 -17.46 11.73 14.89
C ASP D 403 -17.44 12.59 16.16
N LYS D 404 -17.45 11.91 17.31
CA LYS D 404 -17.55 12.56 18.62
C LYS D 404 -16.39 13.52 18.95
N ARG D 405 -15.37 13.56 18.10
CA ARG D 405 -14.32 14.57 18.22
C ARG D 405 -14.79 15.94 17.75
N ILE D 406 -15.72 15.98 16.78
CA ILE D 406 -16.05 17.23 16.08
C ILE D 406 -16.66 18.30 17.00
N GLU D 407 -17.72 17.97 17.71
CA GLU D 407 -18.41 18.94 18.59
C GLU D 407 -17.43 19.69 19.49
N LYS D 408 -16.55 18.93 20.15
CA LYS D 408 -15.52 19.51 21.01
C LYS D 408 -14.61 20.46 20.24
N LEU D 409 -14.26 20.07 19.01
CA LEU D 409 -13.43 20.93 18.14
C LEU D 409 -14.17 22.23 17.83
N LEU D 410 -15.42 22.10 17.40
CA LEU D 410 -16.27 23.25 17.09
C LEU D 410 -16.42 24.17 18.30
N PHE D 411 -16.60 23.59 19.49
CA PHE D 411 -16.69 24.41 20.70
C PHE D 411 -15.35 25.09 21.00
N ASN D 412 -14.27 24.32 21.00
CA ASN D 412 -12.92 24.88 21.23
C ASN D 412 -12.50 25.88 20.16
N TYR D 413 -12.83 25.58 18.90
CA TYR D 413 -12.55 26.45 17.76
C TYR D 413 -13.19 27.82 17.97
N ARG D 414 -14.50 27.82 18.13
CA ARG D 414 -15.28 29.04 18.38
C ARG D 414 -14.79 29.74 19.63
N ALA D 415 -14.67 28.99 20.73
CA ALA D 415 -14.25 29.56 22.01
C ALA D 415 -12.88 30.24 21.92
N ARG D 416 -11.91 29.55 21.33
CA ARG D 416 -10.56 30.08 21.19
C ARG D 416 -10.50 31.24 20.21
N ASN D 417 -10.94 30.99 18.96
CA ASN D 417 -10.74 31.97 17.89
C ASN D 417 -11.71 33.14 17.92
N PHE D 418 -12.96 32.89 18.31
CA PHE D 418 -14.02 33.90 18.24
C PHE D 418 -14.85 33.95 19.52
N PRO D 419 -14.27 34.49 20.61
CA PRO D 419 -15.00 34.62 21.88
C PRO D 419 -16.33 35.36 21.75
N GLY D 420 -16.37 36.40 20.92
CA GLY D 420 -17.56 37.21 20.71
C GLY D 420 -18.86 36.43 20.49
N THR D 421 -18.77 35.31 19.79
CA THR D 421 -19.96 34.50 19.49
C THR D 421 -20.44 33.63 20.67
N LEU D 422 -19.67 33.60 21.75
CA LEU D 422 -20.02 32.80 22.92
C LEU D 422 -21.13 33.45 23.75
N ASP D 423 -22.11 32.64 24.16
CA ASP D 423 -23.12 33.08 25.12
C ASP D 423 -22.63 32.78 26.54
N TYR D 424 -23.40 33.20 27.55
CA TYR D 424 -22.98 33.08 28.96
C TYR D 424 -22.66 31.64 29.38
N ALA D 425 -23.53 30.71 29.00
CA ALA D 425 -23.30 29.29 29.31
C ALA D 425 -21.95 28.87 28.78
N GLU D 426 -21.75 29.06 27.48
CA GLU D 426 -20.50 28.68 26.80
C GLU D 426 -19.30 29.41 27.40
N GLN D 427 -19.54 30.64 27.88
CA GLN D 427 -18.52 31.40 28.59
C GLN D 427 -18.22 30.81 29.97
N GLN D 428 -19.23 30.23 30.62
CA GLN D 428 -19.06 29.60 31.92
C GLN D 428 -18.34 28.26 31.75
N ARG D 429 -18.65 27.60 30.64
CA ARG D 429 -18.04 26.34 30.26
C ARG D 429 -16.57 26.58 29.89
N TRP D 430 -16.33 27.62 29.10
CA TRP D 430 -14.97 28.00 28.73
C TRP D 430 -14.18 28.51 29.94
N LEU D 431 -14.84 29.24 30.83
CA LEU D 431 -14.23 29.67 32.08
C LEU D 431 -13.88 28.45 32.94
N GLU D 432 -14.78 27.47 32.95
CA GLU D 432 -14.56 26.21 33.66
C GLU D 432 -13.36 25.47 33.08
N HIS D 433 -13.31 25.39 31.74
CA HIS D 433 -12.18 24.76 31.05
C HIS D 433 -10.86 25.49 31.38
N ARG D 434 -10.87 26.80 31.21
CA ARG D 434 -9.72 27.65 31.55
C ARG D 434 -9.29 27.45 33.00
N ARG D 435 -10.27 27.29 33.90
CA ARG D 435 -9.99 27.00 35.30
C ARG D 435 -9.34 25.63 35.46
N GLN D 436 -9.90 24.64 34.75
CA GLN D 436 -9.36 23.27 34.75
C GLN D 436 -7.94 23.21 34.19
N VAL D 437 -7.61 24.11 33.26
CA VAL D 437 -6.24 24.21 32.75
C VAL D 437 -5.35 24.94 33.77
N PHE D 438 -5.74 26.15 34.11
CA PHE D 438 -4.97 26.98 35.05
C PHE D 438 -5.36 26.70 36.50
N THR D 439 -4.73 25.69 37.09
CA THR D 439 -4.98 25.30 38.47
C THR D 439 -3.84 25.78 39.38
N PRO D 440 -4.15 26.07 40.65
CA PRO D 440 -3.13 26.56 41.59
C PRO D 440 -1.82 25.76 41.57
N GLU D 441 -1.94 24.44 41.61
CA GLU D 441 -0.76 23.55 41.57
C GLU D 441 -0.01 23.60 40.23
N PHE D 442 -0.72 23.90 39.14
CA PHE D 442 -0.09 24.06 37.83
C PHE D 442 0.64 25.41 37.77
N LEU D 443 -0.09 26.48 38.10
CA LEU D 443 0.46 27.83 38.16
C LEU D 443 1.64 27.93 39.14
N GLN D 444 1.61 27.10 40.18
CA GLN D 444 2.74 26.98 41.10
C GLN D 444 3.94 26.34 40.40
N GLY D 445 3.68 25.31 39.57
CA GLY D 445 4.74 24.65 38.82
C GLY D 445 5.35 25.57 37.78
N TYR D 446 4.47 26.36 37.16
CA TYR D 446 4.89 27.37 36.18
C TYR D 446 5.71 28.46 36.86
N ALA D 447 5.14 29.03 37.92
CA ALA D 447 5.81 30.05 38.72
C ALA D 447 7.17 29.58 39.22
N ASP D 448 7.21 28.36 39.75
CA ASP D 448 8.46 27.77 40.25
C ASP D 448 9.43 27.43 39.11
N GLU D 449 8.91 27.09 37.94
CA GLU D 449 9.76 26.87 36.77
C GLU D 449 10.41 28.18 36.33
N LEU D 450 9.59 29.22 36.19
CA LEU D 450 10.09 30.57 35.89
C LEU D 450 11.11 31.00 36.95
N GLN D 451 10.76 30.83 38.22
CA GLN D 451 11.64 31.18 39.34
C GLN D 451 12.93 30.36 39.33
N MET D 452 12.86 29.12 38.86
CA MET D 452 14.05 28.29 38.70
C MET D 452 14.89 28.80 37.53
N LEU D 453 14.23 29.24 36.46
CA LEU D 453 14.92 29.77 35.29
C LEU D 453 15.62 31.12 35.56
N VAL D 454 14.91 32.05 36.19
CA VAL D 454 15.45 33.39 36.44
C VAL D 454 16.71 33.36 37.32
N GLN D 455 16.82 32.33 38.17
CA GLN D 455 18.03 32.09 38.94
C GLN D 455 19.11 31.40 38.09
N GLN D 456 18.67 30.57 37.13
CA GLN D 456 19.60 29.84 36.26
C GLN D 456 20.26 30.77 35.25
N TYR D 457 19.51 31.74 34.74
CA TYR D 457 20.03 32.74 33.81
C TYR D 457 19.97 34.13 34.44
N ALA D 458 20.72 34.29 35.53
CA ALA D 458 20.75 35.55 36.28
C ALA D 458 21.50 36.65 35.54
N ASP D 459 22.62 36.29 34.90
CA ASP D 459 23.46 37.26 34.20
C ASP D 459 23.04 37.41 32.73
N ASP D 460 21.77 37.70 32.50
CA ASP D 460 21.24 37.86 31.14
C ASP D 460 19.93 38.65 31.17
N LYS D 461 20.06 39.97 31.06
CA LYS D 461 18.91 40.89 31.09
C LYS D 461 17.90 40.59 29.98
N GLU D 462 18.41 40.18 28.82
CA GLU D 462 17.55 39.80 27.68
C GLU D 462 16.62 38.66 28.06
N LYS D 463 17.17 37.62 28.68
CA LYS D 463 16.39 36.48 29.14
C LYS D 463 15.49 36.89 30.31
N VAL D 464 16.09 37.56 31.29
CA VAL D 464 15.34 38.01 32.48
C VAL D 464 14.10 38.82 32.09
N ALA D 465 14.25 39.70 31.10
CA ALA D 465 13.13 40.46 30.56
C ALA D 465 12.05 39.54 29.98
N LEU D 466 12.48 38.47 29.30
CA LEU D 466 11.55 37.53 28.69
C LEU D 466 10.83 36.70 29.75
N LEU D 467 11.55 36.35 30.82
CA LEU D 467 10.95 35.63 31.95
C LEU D 467 9.97 36.55 32.69
N LYS D 468 10.36 37.81 32.84
CA LYS D 468 9.46 38.83 33.39
C LYS D 468 8.21 38.98 32.51
N ALA D 469 8.40 38.94 31.20
CA ALA D 469 7.28 38.99 30.26
C ALA D 469 6.40 37.74 30.36
N LEU D 470 7.02 36.59 30.57
CA LEU D 470 6.31 35.33 30.78
C LEU D 470 5.52 35.35 32.09
N TRP D 471 6.10 35.94 33.12
CA TRP D 471 5.40 36.12 34.39
C TRP D 471 4.23 37.10 34.25
N GLN D 472 4.50 38.24 33.61
CA GLN D 472 3.47 39.26 33.38
C GLN D 472 2.34 38.76 32.49
N TYR D 473 2.67 37.90 31.51
CA TYR D 473 1.67 37.29 30.65
C TYR D 473 0.78 36.33 31.43
N ALA D 474 1.38 35.54 32.30
CA ALA D 474 0.65 34.56 33.11
C ALA D 474 -0.35 35.21 34.08
N GLU D 475 -0.04 36.43 34.53
CA GLU D 475 -0.89 37.15 35.48
C GLU D 475 -2.13 37.76 34.84
N GLU D 476 -1.95 38.41 33.68
CA GLU D 476 -3.03 39.16 33.04
C GLU D 476 -4.11 38.29 32.39
N ILE D 477 -3.73 37.14 31.83
CA ILE D 477 -4.68 36.26 31.14
C ILE D 477 -5.61 35.50 32.10
N VAL D 478 -5.22 35.40 33.37
CA VAL D 478 -6.09 34.81 34.41
C VAL D 478 -6.11 35.70 35.65
S SO4 E . -8.32 -15.16 -3.03
O1 SO4 E . -8.66 -15.10 -4.46
O2 SO4 E . -9.29 -16.02 -2.32
O3 SO4 E . -6.95 -15.71 -2.87
O4 SO4 E . -8.36 -13.79 -2.45
S SO4 F . -27.59 1.47 0.04
O1 SO4 F . -26.46 0.51 0.04
O2 SO4 F . -28.63 0.97 -0.90
O3 SO4 F . -28.17 1.56 1.40
O4 SO4 F . -27.10 2.79 -0.38
S SO4 G . -17.39 6.12 -3.25
O1 SO4 G . -16.00 6.00 -3.75
O2 SO4 G . -18.31 5.38 -4.14
O3 SO4 G . -17.48 5.58 -1.87
O4 SO4 G . -17.77 7.55 -3.23
S SO4 H . -20.47 2.28 -13.73
O1 SO4 H . -19.45 1.21 -13.56
O2 SO4 H . -21.80 1.76 -13.31
O3 SO4 H . -20.11 3.44 -12.89
O4 SO4 H . -20.53 2.67 -15.15
S SO4 I . -13.45 5.57 -11.26
O1 SO4 I . -13.08 5.61 -12.69
O2 SO4 I . -13.91 4.21 -10.90
O3 SO4 I . -12.29 5.94 -10.43
O4 SO4 I . -14.56 6.53 -11.00
S SO4 J . 1.35 8.69 -20.40
O1 SO4 J . 2.46 8.29 -21.30
O2 SO4 J . 0.06 8.58 -21.12
O3 SO4 J . 1.33 7.79 -19.22
O4 SO4 J . 1.57 10.08 -19.96
S SO4 K . -13.84 -16.05 -4.61
O1 SO4 K . -14.20 -17.26 -3.85
O2 SO4 K . -13.90 -16.35 -6.06
O3 SO4 K . -14.80 -14.97 -4.29
O4 SO4 K . -12.48 -15.60 -4.23
S SO4 L . 0.35 1.09 -1.53
O1 SO4 L . 1.07 1.91 -2.53
O2 SO4 L . -1.11 1.21 -1.75
O3 SO4 L . 0.76 -0.32 -1.66
O4 SO4 L . 0.67 1.58 -0.17
S SO4 M . 10.81 6.81 12.08
O1 SO4 M . 10.85 6.32 10.68
O2 SO4 M . 9.40 7.06 12.48
O3 SO4 M . 11.41 5.81 12.97
O4 SO4 M . 11.57 8.08 12.17
#